data_9PTM
#
_entry.id   9PTM
#
_cell.length_a   1.00
_cell.length_b   1.00
_cell.length_c   1.00
_cell.angle_alpha   90.00
_cell.angle_beta   90.00
_cell.angle_gamma   90.00
#
_symmetry.space_group_name_H-M   'P 1'
#
loop_
_entity.id
_entity.type
_entity.pdbx_description
1 polymer 'Type 1 fimbrin D-mannose specific adhesin'
2 polymer 'Protein FimG'
3 polymer 'mAb824 Heavy Chain'
4 polymer 'mAb824 Light Chain'
#
loop_
_entity_poly.entity_id
_entity_poly.type
_entity_poly.pdbx_seq_one_letter_code
_entity_poly.pdbx_strand_id
1 'polypeptide(L)'
;MKRVITLFAVLLMGWSVNAWSFACKTANGTAIPIGGGSANVYVNLAPVVNVGQNLVVDLSTQIFCHNDYPETITDYVTLQ
RGSAYGGVLSNFSGTVKYSGSSYPFPTTSETPRVVYNSRTDKPWPVALYLTPVSSAGGVAIKAGSLIAVLILRQTNNYNS
DDFQFVWNIYANNDVVVPTGGCDVSARDVTVTLPDYPGSVPIPLTVYCAKSQNLGYYLSGTTADAGNSIFTNTASFSPAQ
GVGVQLTRNGTIIPANNTVSLGAVGTSAVSLGLTANYARTGGQVTAGNVQSIIGVTFVYQ
;
A
2 'polypeptide(L)'
;MKWCKRGYVLAAILALASATIQAADVTITVNGKVVAKPCTVSTTNATVDLGDLYSFSLMSAGAASAWHDVALELTNCPVG
TSRVTASFSGAADSTGYYKNQGTAQNIQLELQDDSGNTLNTGATKTVQVDDSSQSAHFPLQVRALTVNGGATQGTIQAVI
SITYTYS
;
G
3 'polypeptide(L)'
;EIQLQQSGPERMKPGASVKISCKASGYSFTTYYIHWVKQSHGRSLEWIGYIDPFNDDTNYNQKFKGKATLTVDKSSSTAY
MHLSSLTSEDSAVYYCARSYYGSLDYWGQGTTLTVSSAKTTPPSVYPLAPGSAAQTNSMVTLGCLVKGYFPEPVTVTWNS
GSLSSGVHTFPAVLQSDLYTLSSSVTVPSSTWPSETVTCNVAHPASST
;
I
4 'polypeptide(L)'
;DIQMTQTTSSLSASLGDRVTISCRASQGVNNYLNWYQQKPDGSVKLLIYYTSNLHSGAPSRFSGSGSGTDYSLTISNLEQ
EDIATYFCQQANMVPWTFGGGTKLEIKRADAAPTVSIFPPSSEQLTSGGASVVCFLNNFYPKDINVKWKIDGSERQNGVL
NSWTDQDSKDSTYSMSSTLTLTKDEYERHNSYTCEAR
;
M
#
# COMPACT_ATOMS: atom_id res chain seq x y z
N PHE A 22 -7.54 -9.95 29.90
CA PHE A 22 -7.70 -10.50 28.53
C PHE A 22 -8.75 -11.60 28.52
N ALA A 23 -10.00 -11.21 28.59
CA ALA A 23 -11.12 -12.14 28.47
C ALA A 23 -11.42 -12.38 26.99
N CYS A 24 -12.09 -13.51 26.73
CA CYS A 24 -12.41 -13.90 25.36
C CYS A 24 -13.66 -14.77 25.37
N LYS A 25 -14.23 -14.95 24.17
CA LYS A 25 -15.34 -15.86 23.97
C LYS A 25 -15.44 -16.18 22.49
N THR A 26 -16.17 -17.24 22.17
CA THR A 26 -16.30 -17.70 20.80
C THR A 26 -17.47 -17.00 20.11
N ALA A 27 -17.75 -17.42 18.88
CA ALA A 27 -18.91 -16.88 18.17
C ALA A 27 -20.21 -17.32 18.81
N ASN A 28 -20.24 -18.52 19.39
CA ASN A 28 -21.44 -19.04 20.02
C ASN A 28 -21.60 -18.60 21.47
N GLY A 29 -20.77 -17.68 21.95
CA GLY A 29 -20.86 -17.19 23.31
C GLY A 29 -20.05 -17.96 24.32
N THR A 30 -19.50 -19.11 23.94
CA THR A 30 -18.69 -19.90 24.86
C THR A 30 -17.43 -19.15 25.27
N ALA A 31 -17.35 -18.74 26.53
CA ALA A 31 -16.12 -18.14 27.03
C ALA A 31 -14.99 -19.14 26.95
N ILE A 32 -13.85 -18.71 26.40
CA ILE A 32 -12.68 -19.57 26.28
C ILE A 32 -12.00 -19.63 27.63
N PRO A 33 -11.88 -20.80 28.26
CA PRO A 33 -11.37 -20.83 29.64
C PRO A 33 -9.94 -20.35 29.74
N ILE A 34 -9.65 -19.70 30.86
CA ILE A 34 -8.29 -19.35 31.25
C ILE A 34 -8.14 -19.76 32.71
N GLY A 35 -7.02 -20.38 33.04
CA GLY A 35 -6.84 -21.00 34.33
C GLY A 35 -6.14 -22.34 34.15
N GLY A 36 -6.38 -22.96 33.00
CA GLY A 36 -5.54 -24.04 32.55
C GLY A 36 -4.57 -23.58 31.49
N GLY A 37 -3.48 -24.31 31.33
CA GLY A 37 -2.44 -23.88 30.43
C GLY A 37 -2.87 -23.68 28.99
N SER A 38 -3.94 -24.33 28.56
CA SER A 38 -4.32 -24.33 27.15
C SER A 38 -5.83 -24.40 27.05
N ALA A 39 -6.32 -24.42 25.80
CA ALA A 39 -7.74 -24.38 25.54
C ALA A 39 -8.06 -25.08 24.23
N ASN A 40 -9.32 -25.47 24.09
CA ASN A 40 -9.88 -26.00 22.85
C ASN A 40 -10.92 -25.01 22.33
N VAL A 41 -10.85 -24.69 21.05
CA VAL A 41 -11.73 -23.71 20.44
C VAL A 41 -12.38 -24.32 19.20
N TYR A 42 -13.70 -24.16 19.10
CA TYR A 42 -14.48 -24.67 17.98
C TYR A 42 -15.03 -23.48 17.21
N VAL A 43 -14.77 -23.44 15.90
CA VAL A 43 -15.14 -22.31 15.07
C VAL A 43 -15.72 -22.82 13.75
N ASN A 44 -16.45 -21.95 13.07
CA ASN A 44 -17.05 -22.26 11.78
C ASN A 44 -16.07 -21.89 10.67
N LEU A 45 -15.81 -22.83 9.77
CA LEU A 45 -14.86 -22.64 8.69
C LEU A 45 -15.62 -22.39 7.40
N ALA A 46 -15.18 -21.37 6.65
CA ALA A 46 -15.75 -21.00 5.36
C ALA A 46 -14.60 -20.82 4.37
N PRO A 47 -13.95 -21.90 3.96
CA PRO A 47 -12.84 -21.75 3.02
C PRO A 47 -13.29 -21.17 1.70
N VAL A 48 -12.40 -20.42 1.05
CA VAL A 48 -12.67 -19.84 -0.25
C VAL A 48 -11.34 -19.70 -0.99
N VAL A 49 -11.35 -20.00 -2.29
CA VAL A 49 -10.14 -19.93 -3.09
C VAL A 49 -9.93 -18.50 -3.58
N ASN A 50 -8.68 -18.03 -3.48
CA ASN A 50 -8.28 -16.73 -3.99
C ASN A 50 -7.01 -16.91 -4.83
N VAL A 51 -6.55 -15.81 -5.41
CA VAL A 51 -5.34 -15.83 -6.22
C VAL A 51 -4.13 -15.81 -5.29
N GLY A 52 -3.25 -16.79 -5.44
CA GLY A 52 -2.06 -16.88 -4.62
C GLY A 52 -2.27 -17.50 -3.25
N GLN A 53 -3.41 -17.24 -2.62
CA GLN A 53 -3.70 -17.74 -1.28
C GLN A 53 -5.12 -18.28 -1.24
N ASN A 54 -5.36 -19.24 -0.35
CA ASN A 54 -6.69 -19.74 -0.08
C ASN A 54 -7.00 -19.52 1.40
N LEU A 55 -8.16 -18.91 1.67
CA LEU A 55 -8.54 -18.66 3.05
C LEU A 55 -8.97 -19.95 3.72
N VAL A 56 -8.67 -20.06 5.01
CA VAL A 56 -9.05 -21.23 5.79
C VAL A 56 -10.08 -20.80 6.83
N VAL A 57 -9.69 -19.88 7.70
CA VAL A 57 -10.56 -19.43 8.78
C VAL A 57 -10.25 -17.98 9.09
N ASP A 58 -11.29 -17.20 9.37
CA ASP A 58 -11.16 -15.81 9.73
C ASP A 58 -11.69 -15.63 11.14
N LEU A 59 -10.79 -15.55 12.11
CA LEU A 59 -11.16 -15.46 13.51
C LEU A 59 -11.61 -14.07 13.91
N SER A 60 -11.66 -13.12 12.98
CA SER A 60 -12.28 -11.83 13.27
C SER A 60 -13.78 -12.00 13.46
N THR A 61 -14.38 -12.93 12.73
CA THR A 61 -15.80 -13.19 12.86
C THR A 61 -16.14 -13.80 14.21
N GLN A 62 -15.29 -14.71 14.71
CA GLN A 62 -15.74 -15.63 15.74
C GLN A 62 -14.82 -15.76 16.95
N ILE A 63 -14.02 -14.76 17.29
CA ILE A 63 -13.30 -14.71 18.57
C ILE A 63 -13.26 -13.26 19.00
N PHE A 64 -13.77 -12.98 20.19
CA PHE A 64 -13.93 -11.62 20.68
C PHE A 64 -13.34 -11.50 22.07
N CYS A 65 -12.38 -10.59 22.24
CA CYS A 65 -11.66 -10.45 23.49
C CYS A 65 -11.70 -8.99 23.96
N HIS A 66 -11.52 -8.80 25.27
CA HIS A 66 -11.57 -7.46 25.86
C HIS A 66 -10.71 -7.45 27.12
N ASN A 67 -10.78 -6.33 27.84
CA ASN A 67 -9.95 -6.07 29.02
C ASN A 67 -10.87 -5.62 30.13
N ASP A 68 -11.15 -6.52 31.08
CA ASP A 68 -12.16 -6.26 32.09
C ASP A 68 -11.75 -5.17 33.09
N TYR A 69 -10.47 -4.85 33.21
CA TYR A 69 -10.01 -3.83 34.16
C TYR A 69 -9.00 -2.91 33.47
N PRO A 70 -9.44 -2.16 32.47
CA PRO A 70 -8.49 -1.36 31.69
C PRO A 70 -7.67 -0.39 32.52
N GLU A 71 -8.25 0.24 33.54
CA GLU A 71 -7.48 1.17 34.36
C GLU A 71 -6.25 0.49 34.97
N THR A 72 -6.35 -0.79 35.32
CA THR A 72 -5.29 -1.50 36.03
C THR A 72 -4.24 -2.11 35.12
N ILE A 73 -4.52 -2.24 33.82
CA ILE A 73 -3.63 -2.93 32.91
C ILE A 73 -3.93 -2.48 31.49
N THR A 74 -2.91 -2.60 30.63
CA THR A 74 -3.07 -2.45 29.18
C THR A 74 -2.45 -3.67 28.53
N ASP A 75 -3.24 -4.73 28.38
CA ASP A 75 -2.69 -6.01 27.94
C ASP A 75 -2.15 -5.89 26.52
N TYR A 76 -1.29 -6.84 26.17
CA TYR A 76 -0.87 -7.08 24.81
C TYR A 76 -1.00 -8.56 24.53
N VAL A 77 -1.11 -8.92 23.26
CA VAL A 77 -1.15 -10.32 22.84
C VAL A 77 -0.35 -10.47 21.56
N THR A 78 0.42 -11.55 21.49
CA THR A 78 1.28 -11.80 20.34
C THR A 78 1.18 -13.26 19.97
N LEU A 79 1.50 -13.56 18.72
CA LEU A 79 1.40 -14.92 18.21
C LEU A 79 2.80 -15.51 18.18
N GLN A 80 3.23 -16.04 19.33
CA GLN A 80 4.60 -16.51 19.50
C GLN A 80 4.99 -17.49 18.42
N ARG A 81 6.30 -17.69 18.23
CA ARG A 81 6.78 -18.52 17.14
C ARG A 81 6.49 -19.98 17.45
N GLY A 82 6.28 -20.77 16.40
CA GLY A 82 5.84 -22.14 16.54
C GLY A 82 4.38 -22.37 16.25
N SER A 83 3.57 -21.33 16.16
CA SER A 83 2.18 -21.48 15.75
C SER A 83 2.13 -22.07 14.36
N ALA A 84 1.26 -23.06 14.16
CA ALA A 84 1.30 -23.82 12.92
C ALA A 84 -0.04 -24.50 12.70
N TYR A 85 -0.21 -24.99 11.47
CA TYR A 85 -1.34 -25.87 11.17
C TYR A 85 -1.16 -27.21 11.87
N GLY A 86 -2.27 -27.80 12.29
CA GLY A 86 -2.27 -29.07 12.98
C GLY A 86 -3.32 -30.00 12.39
N GLY A 87 -3.55 -31.09 13.12
CA GLY A 87 -4.54 -32.05 12.66
C GLY A 87 -4.21 -32.52 11.26
N VAL A 88 -5.19 -32.41 10.37
CA VAL A 88 -5.02 -32.88 9.00
C VAL A 88 -4.28 -31.87 8.12
N LEU A 89 -4.13 -30.63 8.59
CA LEU A 89 -3.44 -29.59 7.83
C LEU A 89 -1.98 -29.45 8.21
N SER A 90 -1.46 -30.30 9.10
CA SER A 90 -0.18 -30.04 9.72
C SER A 90 0.96 -29.94 8.73
N ASN A 91 0.80 -30.49 7.53
CA ASN A 91 1.88 -30.45 6.54
C ASN A 91 1.84 -29.18 5.68
N PHE A 92 0.78 -28.38 5.78
CA PHE A 92 0.60 -27.24 4.90
C PHE A 92 1.21 -25.98 5.50
N SER A 93 1.45 -25.01 4.63
CA SER A 93 2.07 -23.75 5.01
C SER A 93 1.39 -22.60 4.28
N GLY A 94 1.41 -21.43 4.91
CA GLY A 94 0.78 -20.25 4.33
C GLY A 94 1.16 -18.97 5.03
N THR A 95 0.19 -18.06 5.19
CA THR A 95 0.41 -16.79 5.84
C THR A 95 -0.66 -16.57 6.89
N VAL A 96 -0.43 -15.57 7.75
CA VAL A 96 -1.38 -15.18 8.78
C VAL A 96 -1.57 -13.68 8.73
N LYS A 97 -2.82 -13.24 8.59
CA LYS A 97 -3.15 -11.83 8.71
C LYS A 97 -3.21 -11.47 10.18
N TYR A 98 -2.46 -10.45 10.59
CA TYR A 98 -2.32 -10.16 12.00
C TYR A 98 -2.14 -8.66 12.22
N SER A 99 -3.14 -8.05 12.85
CA SER A 99 -3.00 -6.70 13.41
C SER A 99 -2.53 -5.69 12.37
N GLY A 100 -2.82 -5.93 11.10
CA GLY A 100 -2.54 -4.94 10.07
C GLY A 100 -1.61 -5.38 8.97
N SER A 101 -1.07 -6.59 9.02
CA SER A 101 -0.10 -7.03 8.03
C SER A 101 -0.11 -8.55 7.99
N SER A 102 0.49 -9.09 6.93
CA SER A 102 0.54 -10.54 6.73
C SER A 102 1.99 -11.01 6.82
N TYR A 103 2.18 -12.13 7.49
CA TYR A 103 3.48 -12.75 7.71
C TYR A 103 3.39 -14.23 7.32
N PRO A 104 4.53 -14.87 7.11
CA PRO A 104 4.49 -16.30 6.79
C PRO A 104 3.98 -17.13 7.97
N PHE A 105 3.41 -18.29 7.64
CA PHE A 105 2.81 -19.18 8.61
C PHE A 105 3.24 -20.60 8.24
N PRO A 106 3.77 -21.38 9.20
CA PRO A 106 3.91 -21.15 10.65
C PRO A 106 4.90 -20.05 11.02
N THR A 107 4.71 -19.44 12.19
CA THR A 107 5.46 -18.25 12.56
C THR A 107 6.87 -18.63 12.99
N THR A 108 7.87 -18.07 12.30
CA THR A 108 9.27 -18.23 12.69
C THR A 108 9.72 -17.17 13.68
N SER A 109 8.87 -16.21 14.01
CA SER A 109 9.23 -15.14 14.93
C SER A 109 7.99 -14.56 15.56
N GLU A 110 8.18 -13.87 16.68
CA GLU A 110 7.07 -13.23 17.37
C GLU A 110 6.53 -12.07 16.54
N THR A 111 5.21 -12.03 16.39
CA THR A 111 4.54 -11.00 15.59
C THR A 111 4.45 -9.72 16.39
N PRO A 112 3.95 -8.63 15.80
CA PRO A 112 3.73 -7.42 16.57
C PRO A 112 2.56 -7.59 17.53
N ARG A 113 2.40 -6.59 18.40
CA ARG A 113 1.53 -6.70 19.56
C ARG A 113 0.18 -6.05 19.30
N VAL A 114 -0.89 -6.81 19.51
CA VAL A 114 -2.24 -6.26 19.55
C VAL A 114 -2.50 -5.72 20.95
N VAL A 115 -3.37 -4.72 21.04
CA VAL A 115 -3.57 -3.97 22.28
C VAL A 115 -5.04 -4.03 22.67
N TYR A 116 -5.29 -4.28 23.95
CA TYR A 116 -6.63 -4.39 24.51
C TYR A 116 -6.70 -3.50 25.74
N ASN A 117 -7.49 -2.43 25.68
CA ASN A 117 -7.46 -1.42 26.73
C ASN A 117 -8.85 -0.91 27.09
N SER A 118 -9.86 -1.75 27.04
CA SER A 118 -11.18 -1.36 27.50
C SER A 118 -12.07 -2.59 27.61
N ARG A 119 -13.14 -2.45 28.40
CA ARG A 119 -14.06 -3.56 28.62
C ARG A 119 -14.83 -3.93 27.37
N THR A 120 -14.87 -3.04 26.38
CA THR A 120 -15.63 -3.29 25.16
C THR A 120 -14.95 -4.35 24.31
N ASP A 121 -15.73 -5.30 23.83
CA ASP A 121 -15.17 -6.38 23.01
C ASP A 121 -14.73 -5.87 21.65
N LYS A 122 -13.68 -6.46 21.14
CA LYS A 122 -13.22 -6.27 19.78
C LYS A 122 -12.74 -7.61 19.25
N PRO A 123 -12.79 -7.82 17.94
CA PRO A 123 -12.39 -9.11 17.40
C PRO A 123 -10.91 -9.38 17.60
N TRP A 124 -10.57 -10.67 17.58
CA TRP A 124 -9.18 -11.09 17.50
C TRP A 124 -8.78 -11.05 16.04
N PRO A 125 -8.00 -10.05 15.61
CA PRO A 125 -7.79 -9.84 14.17
C PRO A 125 -6.80 -10.83 13.57
N VAL A 126 -7.27 -12.05 13.30
CA VAL A 126 -6.43 -13.10 12.76
C VAL A 126 -7.18 -13.82 11.65
N ALA A 127 -6.43 -14.34 10.67
CA ALA A 127 -6.99 -15.12 9.59
C ALA A 127 -5.88 -15.96 8.99
N LEU A 128 -6.19 -17.20 8.67
CA LEU A 128 -5.18 -18.16 8.23
C LEU A 128 -5.37 -18.48 6.76
N TYR A 129 -4.25 -18.52 6.04
CA TYR A 129 -4.24 -18.70 4.60
C TYR A 129 -3.36 -19.89 4.27
N LEU A 130 -3.44 -20.35 3.02
CA LEU A 130 -2.78 -21.57 2.59
C LEU A 130 -2.18 -21.33 1.22
N THR A 131 -0.94 -21.77 1.03
CA THR A 131 -0.27 -21.62 -0.27
C THR A 131 -0.63 -22.80 -1.17
N PRO A 132 -1.30 -22.58 -2.29
CA PRO A 132 -1.77 -23.72 -3.10
C PRO A 132 -0.62 -24.64 -3.50
N VAL A 133 -0.90 -25.95 -3.41
CA VAL A 133 0.11 -26.96 -3.70
C VAL A 133 -0.45 -28.04 -4.62
N SER A 134 -1.58 -27.78 -5.27
CA SER A 134 -2.19 -28.78 -6.11
C SER A 134 -3.11 -28.13 -7.13
N SER A 135 -3.58 -28.94 -8.08
CA SER A 135 -4.63 -28.54 -9.01
C SER A 135 -5.96 -29.03 -8.45
N ALA A 136 -6.91 -28.11 -8.29
CA ALA A 136 -8.17 -28.42 -7.62
C ALA A 136 -7.80 -29.03 -6.27
N GLY A 137 -8.34 -30.19 -5.91
CA GLY A 137 -7.89 -30.87 -4.72
C GLY A 137 -8.40 -30.23 -3.44
N GLY A 138 -8.55 -31.04 -2.40
CA GLY A 138 -8.99 -30.52 -1.12
C GLY A 138 -8.97 -31.62 -0.08
N VAL A 139 -8.76 -31.20 1.16
CA VAL A 139 -8.73 -32.11 2.30
C VAL A 139 -9.97 -31.89 3.14
N ALA A 140 -10.66 -32.98 3.47
CA ALA A 140 -11.98 -32.92 4.09
C ALA A 140 -11.83 -32.73 5.59
N ILE A 141 -12.29 -31.58 6.08
CA ILE A 141 -12.37 -31.36 7.52
C ILE A 141 -13.72 -31.86 8.03
N LYS A 142 -13.69 -32.53 9.18
CA LYS A 142 -14.89 -33.06 9.81
C LYS A 142 -15.09 -32.36 11.15
N ALA A 143 -16.36 -32.14 11.49
CA ALA A 143 -16.66 -31.45 12.73
C ALA A 143 -16.03 -32.19 13.91
N GLY A 144 -15.47 -31.44 14.84
CA GLY A 144 -14.77 -32.04 15.96
C GLY A 144 -13.33 -32.42 15.68
N SER A 145 -12.75 -31.95 14.58
CA SER A 145 -11.36 -32.21 14.28
C SER A 145 -10.50 -30.99 14.61
N LEU A 146 -9.19 -31.20 14.58
CA LEU A 146 -8.24 -30.12 14.85
C LEU A 146 -7.81 -29.46 13.54
N ILE A 147 -7.59 -28.15 13.61
CA ILE A 147 -7.25 -27.33 12.45
C ILE A 147 -5.85 -26.75 12.57
N ALA A 148 -5.56 -26.09 13.69
CA ALA A 148 -4.28 -25.44 13.85
C ALA A 148 -4.03 -25.20 15.33
N VAL A 149 -2.75 -25.13 15.70
CA VAL A 149 -2.32 -24.88 17.07
C VAL A 149 -1.66 -23.52 17.09
N LEU A 150 -2.24 -22.59 17.84
CA LEU A 150 -1.76 -21.22 17.91
C LEU A 150 -1.12 -20.98 19.27
N ILE A 151 0.20 -20.92 19.30
CA ILE A 151 0.94 -20.57 20.51
C ILE A 151 0.86 -19.06 20.67
N LEU A 152 0.31 -18.61 21.79
CA LEU A 152 0.12 -17.20 22.05
C LEU A 152 0.95 -16.78 23.25
N ARG A 153 1.36 -15.52 23.26
CA ARG A 153 2.09 -14.96 24.39
C ARG A 153 1.43 -13.66 24.81
N GLN A 154 1.17 -13.53 26.10
CA GLN A 154 0.55 -12.34 26.66
C GLN A 154 1.58 -11.54 27.44
N THR A 155 1.37 -10.24 27.54
CA THR A 155 2.21 -9.36 28.34
C THR A 155 1.35 -8.19 28.80
N ASN A 156 1.99 -7.19 29.40
CA ASN A 156 1.26 -6.07 29.95
C ASN A 156 2.23 -4.90 30.12
N ASN A 157 1.65 -3.71 30.27
CA ASN A 157 2.46 -2.52 30.53
C ASN A 157 3.10 -2.53 31.89
N TYR A 158 2.54 -3.25 32.87
CA TYR A 158 2.74 -2.87 34.26
C TYR A 158 3.48 -3.92 35.08
N ASN A 159 2.96 -5.15 35.13
CA ASN A 159 3.31 -6.04 36.22
C ASN A 159 4.52 -6.92 35.96
N SER A 160 5.38 -6.56 35.01
CA SER A 160 6.60 -7.31 34.75
C SER A 160 6.31 -8.81 34.76
N ASP A 161 5.18 -9.16 34.15
CA ASP A 161 4.60 -10.48 34.28
C ASP A 161 4.20 -10.98 32.91
N ASP A 162 4.63 -12.19 32.56
CA ASP A 162 4.51 -12.68 31.20
C ASP A 162 3.99 -14.11 31.22
N PHE A 163 3.12 -14.44 30.27
CA PHE A 163 2.48 -15.74 30.19
C PHE A 163 2.45 -16.23 28.75
N GLN A 164 2.24 -17.54 28.60
CA GLN A 164 1.95 -18.14 27.30
C GLN A 164 0.83 -19.16 27.46
N PHE A 165 0.01 -19.29 26.43
CA PHE A 165 -1.08 -20.26 26.45
C PHE A 165 -1.43 -20.62 25.01
N VAL A 166 -1.93 -21.83 24.83
CA VAL A 166 -2.18 -22.38 23.51
C VAL A 166 -3.68 -22.49 23.27
N TRP A 167 -4.09 -22.31 22.03
CA TRP A 167 -5.47 -22.49 21.61
C TRP A 167 -5.50 -23.52 20.49
N ASN A 168 -6.04 -24.70 20.78
CA ASN A 168 -6.27 -25.69 19.73
C ASN A 168 -7.53 -25.32 18.97
N ILE A 169 -7.44 -25.25 17.65
CA ILE A 169 -8.49 -24.69 16.82
C ILE A 169 -9.25 -25.85 16.17
N TYR A 170 -10.51 -26.02 16.55
CA TYR A 170 -11.35 -27.10 16.06
C TYR A 170 -12.45 -26.56 15.17
N ALA A 171 -12.81 -27.33 14.16
CA ALA A 171 -13.93 -26.99 13.31
C ALA A 171 -15.20 -27.67 13.81
N ASN A 172 -16.24 -26.86 13.99
CA ASN A 172 -17.53 -27.37 14.46
C ASN A 172 -18.52 -27.55 13.30
N ASN A 173 -18.03 -27.50 12.07
CA ASN A 173 -18.85 -27.79 10.90
C ASN A 173 -17.99 -28.48 9.86
N ASP A 174 -18.59 -29.43 9.17
CA ASP A 174 -17.86 -30.20 8.16
C ASP A 174 -17.68 -29.37 6.89
N VAL A 175 -16.45 -29.32 6.38
CA VAL A 175 -16.12 -28.57 5.17
C VAL A 175 -15.01 -29.30 4.44
N VAL A 176 -14.73 -28.83 3.23
CA VAL A 176 -13.56 -29.26 2.47
C VAL A 176 -12.71 -28.02 2.20
N VAL A 177 -11.43 -28.12 2.52
CA VAL A 177 -10.49 -27.00 2.37
C VAL A 177 -9.76 -27.19 1.05
N PRO A 178 -9.93 -26.32 0.07
CA PRO A 178 -9.26 -26.50 -1.21
C PRO A 178 -7.75 -26.29 -1.09
N THR A 179 -7.01 -27.00 -1.93
CA THR A 179 -5.57 -26.90 -1.97
C THR A 179 -5.04 -26.48 -3.33
N GLY A 180 -5.92 -26.23 -4.30
CA GLY A 180 -5.51 -25.75 -5.61
C GLY A 180 -6.04 -24.36 -5.89
N GLY A 181 -5.71 -23.88 -7.09
CA GLY A 181 -6.15 -22.57 -7.51
C GLY A 181 -7.57 -22.58 -8.05
N CYS A 182 -8.19 -23.75 -8.09
CA CYS A 182 -9.51 -23.91 -8.68
C CYS A 182 -10.40 -24.73 -7.76
N ASP A 183 -11.70 -24.47 -7.86
CA ASP A 183 -12.70 -25.17 -7.07
C ASP A 183 -13.71 -25.79 -8.03
N VAL A 184 -14.55 -26.68 -7.50
CA VAL A 184 -15.57 -27.36 -8.29
C VAL A 184 -16.90 -27.25 -7.56
N SER A 185 -17.98 -27.45 -8.33
CA SER A 185 -19.32 -27.26 -7.79
C SER A 185 -19.59 -28.17 -6.59
N ALA A 186 -19.24 -29.45 -6.71
CA ALA A 186 -19.52 -30.42 -5.66
C ALA A 186 -18.43 -31.47 -5.65
N ARG A 187 -18.09 -31.94 -4.44
CA ARG A 187 -17.06 -32.96 -4.26
C ARG A 187 -17.63 -34.36 -4.48
N ASP A 188 -18.86 -34.61 -4.02
CA ASP A 188 -19.54 -35.88 -4.21
C ASP A 188 -20.81 -35.65 -5.02
N VAL A 189 -20.99 -36.43 -6.08
CA VAL A 189 -22.11 -36.28 -7.00
C VAL A 189 -22.73 -37.65 -7.23
N THR A 190 -24.06 -37.72 -7.17
CA THR A 190 -24.81 -38.94 -7.42
C THR A 190 -25.76 -38.72 -8.59
N VAL A 191 -25.68 -39.60 -9.59
CA VAL A 191 -26.52 -39.51 -10.77
C VAL A 191 -27.27 -40.83 -10.93
N THR A 192 -28.58 -40.74 -11.13
CA THR A 192 -29.46 -41.90 -11.18
C THR A 192 -29.78 -42.22 -12.64
N LEU A 193 -29.11 -43.23 -13.19
CA LEU A 193 -29.39 -43.66 -14.55
C LEU A 193 -30.84 -44.12 -14.64
N PRO A 194 -31.56 -43.75 -15.71
CA PRO A 194 -32.81 -44.45 -16.00
C PRO A 194 -32.51 -45.86 -16.49
N ASP A 195 -33.53 -46.72 -16.43
CA ASP A 195 -33.35 -48.12 -16.74
C ASP A 195 -32.65 -48.33 -18.08
N TYR A 196 -32.06 -49.50 -18.26
CA TYR A 196 -31.34 -49.80 -19.48
C TYR A 196 -32.16 -49.40 -20.70
N PRO A 197 -31.53 -48.87 -21.78
CA PRO A 197 -30.12 -48.48 -21.94
C PRO A 197 -29.89 -46.96 -21.84
N GLY A 198 -30.42 -46.29 -20.82
CA GLY A 198 -30.45 -44.84 -20.79
C GLY A 198 -29.14 -44.16 -20.44
N SER A 199 -29.17 -42.83 -20.36
CA SER A 199 -28.00 -42.03 -20.02
C SER A 199 -28.49 -40.73 -19.39
N VAL A 200 -27.59 -40.04 -18.71
CA VAL A 200 -27.93 -38.79 -18.04
C VAL A 200 -26.79 -37.79 -18.13
N PRO A 201 -27.06 -36.50 -17.98
CA PRO A 201 -25.98 -35.53 -17.80
C PRO A 201 -25.54 -35.43 -16.35
N ILE A 202 -24.25 -35.18 -16.16
CA ILE A 202 -23.63 -35.11 -14.85
C ILE A 202 -23.39 -33.64 -14.50
N PRO A 203 -24.00 -33.11 -13.44
CA PRO A 203 -23.82 -31.68 -13.09
C PRO A 203 -22.50 -31.38 -12.37
N LEU A 204 -21.44 -31.18 -13.15
CA LEU A 204 -20.14 -30.82 -12.63
C LEU A 204 -19.64 -29.56 -13.36
N THR A 205 -18.97 -28.68 -12.61
CA THR A 205 -18.41 -27.46 -13.20
C THR A 205 -17.11 -27.11 -12.48
N VAL A 206 -16.24 -26.38 -13.18
CA VAL A 206 -14.94 -25.97 -12.67
C VAL A 206 -14.76 -24.47 -12.87
N TYR A 207 -14.35 -23.77 -11.82
CA TYR A 207 -14.00 -22.37 -11.91
C TYR A 207 -12.68 -22.13 -11.21
N CYS A 208 -11.96 -21.09 -11.66
CA CYS A 208 -10.66 -20.75 -11.14
C CYS A 208 -10.59 -19.26 -10.83
N ALA A 209 -9.93 -18.91 -9.74
CA ALA A 209 -9.82 -17.51 -9.33
C ALA A 209 -8.91 -16.70 -10.25
N LYS A 210 -8.03 -17.35 -10.98
CA LYS A 210 -7.19 -16.70 -11.97
C LYS A 210 -7.27 -17.50 -13.26
N SER A 211 -7.13 -16.81 -14.38
CA SER A 211 -7.14 -17.49 -15.67
C SER A 211 -6.07 -18.58 -15.69
N GLN A 212 -6.52 -19.83 -15.75
CA GLN A 212 -5.64 -20.99 -15.70
C GLN A 212 -6.05 -21.99 -16.76
N ASN A 213 -5.10 -22.84 -17.14
CA ASN A 213 -5.38 -24.01 -17.93
C ASN A 213 -5.69 -25.18 -17.00
N LEU A 214 -6.53 -26.10 -17.47
CA LEU A 214 -6.92 -27.24 -16.66
C LEU A 214 -7.25 -28.43 -17.56
N GLY A 215 -6.89 -29.62 -17.07
CA GLY A 215 -7.33 -30.87 -17.65
C GLY A 215 -7.83 -31.79 -16.55
N TYR A 216 -8.22 -33.00 -16.97
CA TYR A 216 -8.65 -34.01 -16.01
C TYR A 216 -8.52 -35.39 -16.61
N TYR A 217 -8.32 -36.38 -15.75
CA TYR A 217 -8.29 -37.78 -16.14
C TYR A 217 -9.12 -38.59 -15.14
N LEU A 218 -9.65 -39.71 -15.62
CA LEU A 218 -10.64 -40.50 -14.90
C LEU A 218 -9.96 -41.62 -14.14
N SER A 219 -10.29 -41.74 -12.85
CA SER A 219 -9.71 -42.75 -11.97
C SER A 219 -10.80 -43.69 -11.49
N GLY A 220 -10.56 -44.99 -11.66
CA GLY A 220 -11.53 -45.99 -11.25
C GLY A 220 -11.09 -47.37 -11.67
N THR A 221 -11.86 -48.36 -11.22
CA THR A 221 -11.53 -49.76 -11.46
C THR A 221 -12.19 -50.21 -12.77
N THR A 222 -11.51 -49.92 -13.87
CA THR A 222 -12.03 -50.28 -15.19
C THR A 222 -12.23 -51.78 -15.31
N ALA A 223 -12.87 -52.20 -16.41
CA ALA A 223 -13.24 -53.59 -16.63
C ALA A 223 -12.80 -54.14 -17.99
N ASP A 224 -12.48 -53.29 -18.96
CA ASP A 224 -12.31 -53.70 -20.34
C ASP A 224 -10.86 -53.61 -20.78
N ALA A 225 -10.60 -54.12 -21.99
CA ALA A 225 -9.28 -54.03 -22.58
C ALA A 225 -8.96 -52.64 -23.11
N GLY A 226 -9.97 -51.82 -23.39
CA GLY A 226 -9.74 -50.45 -23.79
C GLY A 226 -9.74 -49.51 -22.60
N ASN A 227 -10.03 -50.06 -21.41
CA ASN A 227 -10.04 -49.28 -20.18
C ASN A 227 -11.03 -48.12 -20.27
N SER A 228 -12.07 -48.27 -21.08
CA SER A 228 -13.07 -47.24 -21.24
C SER A 228 -14.33 -47.49 -20.43
N ILE A 229 -14.61 -48.75 -20.08
CA ILE A 229 -15.79 -49.14 -19.32
C ILE A 229 -15.35 -49.51 -17.91
N PHE A 230 -16.26 -49.40 -16.96
CA PHE A 230 -15.96 -49.68 -15.56
C PHE A 230 -16.88 -50.75 -15.03
N THR A 231 -16.38 -51.55 -14.07
CA THR A 231 -17.13 -52.71 -13.59
C THR A 231 -18.24 -52.31 -12.63
N ASN A 232 -19.26 -53.15 -12.56
CA ASN A 232 -20.33 -52.97 -11.59
C ASN A 232 -19.83 -53.23 -10.17
N THR A 233 -20.34 -52.46 -9.22
CA THR A 233 -19.95 -52.56 -7.82
C THR A 233 -21.15 -52.85 -6.91
N ALA A 234 -22.28 -53.23 -7.49
CA ALA A 234 -23.50 -53.42 -6.70
C ALA A 234 -23.27 -54.51 -5.66
N SER A 235 -23.66 -54.22 -4.42
CA SER A 235 -23.54 -55.17 -3.32
C SER A 235 -24.84 -55.87 -3.02
N PHE A 236 -25.77 -55.93 -3.96
CA PHE A 236 -27.08 -56.54 -3.71
C PHE A 236 -27.70 -56.87 -5.06
N SER A 237 -27.92 -58.16 -5.31
CA SER A 237 -28.56 -58.61 -6.54
C SER A 237 -27.94 -57.92 -7.73
N PRO A 238 -26.62 -58.00 -7.89
CA PRO A 238 -25.97 -57.24 -8.97
C PRO A 238 -26.40 -57.72 -10.35
N ALA A 239 -26.53 -56.77 -11.27
CA ALA A 239 -26.66 -57.12 -12.68
C ALA A 239 -25.29 -57.51 -13.23
N GLN A 240 -25.29 -58.35 -14.25
CA GLN A 240 -24.05 -58.90 -14.77
C GLN A 240 -23.92 -58.60 -16.25
N GLY A 241 -22.71 -58.22 -16.64
CA GLY A 241 -22.40 -57.90 -18.02
C GLY A 241 -22.56 -56.44 -18.40
N VAL A 242 -22.95 -55.58 -17.46
CA VAL A 242 -23.24 -54.18 -17.74
C VAL A 242 -22.36 -53.32 -16.86
N GLY A 243 -21.67 -52.36 -17.49
CA GLY A 243 -20.84 -51.42 -16.76
C GLY A 243 -21.08 -50.01 -17.27
N VAL A 244 -20.63 -49.06 -16.47
CA VAL A 244 -20.79 -47.65 -16.78
C VAL A 244 -19.71 -47.22 -17.76
N GLN A 245 -20.01 -46.25 -18.60
CA GLN A 245 -19.05 -45.68 -19.53
C GLN A 245 -19.36 -44.20 -19.72
N LEU A 246 -18.46 -43.35 -19.23
CA LEU A 246 -18.64 -41.91 -19.35
C LEU A 246 -18.24 -41.44 -20.74
N THR A 247 -18.88 -40.36 -21.18
CA THR A 247 -18.57 -39.74 -22.47
C THR A 247 -18.86 -38.25 -22.39
N ARG A 248 -18.16 -37.49 -23.23
CA ARG A 248 -18.41 -36.07 -23.40
C ARG A 248 -18.67 -35.80 -24.88
N ASN A 249 -19.85 -35.27 -25.17
CA ASN A 249 -20.25 -34.92 -26.54
C ASN A 249 -19.85 -36.03 -27.51
N GLY A 250 -20.09 -37.26 -27.11
CA GLY A 250 -19.82 -38.42 -27.95
C GLY A 250 -18.41 -38.96 -27.87
N THR A 251 -17.53 -38.33 -27.11
CA THR A 251 -16.16 -38.81 -26.97
C THR A 251 -16.10 -39.80 -25.80
N ILE A 252 -15.65 -41.02 -26.08
CA ILE A 252 -15.43 -41.99 -25.02
C ILE A 252 -14.14 -41.64 -24.30
N ILE A 253 -14.24 -41.40 -22.99
CA ILE A 253 -13.12 -40.91 -22.20
C ILE A 253 -12.54 -42.06 -21.39
N PRO A 254 -11.56 -42.79 -21.90
CA PRO A 254 -11.03 -43.94 -21.14
C PRO A 254 -10.35 -43.50 -19.86
N ALA A 255 -10.03 -44.49 -19.03
CA ALA A 255 -9.35 -44.23 -17.77
C ALA A 255 -7.90 -43.83 -18.02
N ASN A 256 -7.33 -43.14 -17.04
CA ASN A 256 -5.94 -42.71 -17.10
C ASN A 256 -5.63 -42.05 -18.45
N ASN A 257 -6.34 -40.96 -18.72
CA ASN A 257 -6.11 -40.15 -19.90
C ASN A 257 -6.64 -38.76 -19.62
N THR A 258 -5.91 -37.75 -20.10
CA THR A 258 -6.24 -36.36 -19.81
C THR A 258 -7.07 -35.75 -20.93
N VAL A 259 -8.11 -35.02 -20.55
CA VAL A 259 -8.94 -34.26 -21.47
C VAL A 259 -8.92 -32.81 -21.02
N SER A 260 -8.49 -31.92 -21.91
CA SER A 260 -8.21 -30.54 -21.53
C SER A 260 -9.47 -29.70 -21.52
N LEU A 261 -9.60 -28.84 -20.51
CA LEU A 261 -10.68 -27.87 -20.43
C LEU A 261 -10.35 -26.56 -21.15
N GLY A 262 -9.13 -26.41 -21.66
CA GLY A 262 -8.74 -25.13 -22.21
C GLY A 262 -8.36 -24.17 -21.11
N ALA A 263 -8.67 -22.89 -21.33
CA ALA A 263 -8.36 -21.84 -20.36
C ALA A 263 -9.59 -21.58 -19.50
N VAL A 264 -9.42 -21.76 -18.19
CA VAL A 264 -10.51 -21.66 -17.23
C VAL A 264 -10.29 -20.44 -16.35
N GLY A 265 -11.34 -19.66 -16.17
CA GLY A 265 -11.29 -18.49 -15.32
C GLY A 265 -12.43 -18.51 -14.32
N THR A 266 -12.85 -17.32 -13.86
CA THR A 266 -13.91 -17.24 -12.87
C THR A 266 -15.26 -17.74 -13.39
N SER A 267 -15.40 -17.92 -14.70
CA SER A 267 -16.63 -18.45 -15.27
C SER A 267 -16.57 -19.97 -15.22
N ALA A 268 -17.46 -20.58 -14.44
CA ALA A 268 -17.45 -22.02 -14.26
C ALA A 268 -17.68 -22.72 -15.58
N VAL A 269 -16.98 -23.83 -15.79
CA VAL A 269 -17.04 -24.59 -17.04
C VAL A 269 -17.58 -25.98 -16.74
N SER A 270 -18.67 -26.35 -17.39
CA SER A 270 -19.19 -27.70 -17.28
C SER A 270 -18.25 -28.68 -17.98
N LEU A 271 -17.93 -29.77 -17.28
CA LEU A 271 -17.00 -30.75 -17.82
C LEU A 271 -17.52 -31.39 -19.10
N GLY A 272 -18.83 -31.39 -19.31
CA GLY A 272 -19.39 -32.00 -20.50
C GLY A 272 -19.54 -33.50 -20.43
N LEU A 273 -19.56 -34.08 -19.23
CA LEU A 273 -19.58 -35.53 -19.08
C LEU A 273 -21.01 -36.06 -19.11
N THR A 274 -21.16 -37.26 -19.68
CA THR A 274 -22.43 -37.98 -19.71
C THR A 274 -22.18 -39.41 -19.23
N ALA A 275 -23.15 -39.97 -18.51
CA ALA A 275 -23.05 -41.31 -17.96
C ALA A 275 -23.94 -42.27 -18.74
N ASN A 276 -23.39 -43.42 -19.13
CA ASN A 276 -24.07 -44.37 -19.98
C ASN A 276 -23.98 -45.78 -19.39
N TYR A 277 -24.74 -46.70 -19.96
CA TYR A 277 -24.48 -48.11 -19.78
C TYR A 277 -23.46 -48.59 -20.80
N ALA A 278 -22.78 -49.68 -20.47
CA ALA A 278 -21.83 -50.30 -21.39
C ALA A 278 -21.88 -51.80 -21.23
N ARG A 279 -22.07 -52.50 -22.36
CA ARG A 279 -22.27 -53.94 -22.36
C ARG A 279 -20.92 -54.65 -22.37
N THR A 280 -20.66 -55.38 -21.29
CA THR A 280 -19.42 -56.13 -21.17
C THR A 280 -19.72 -57.63 -21.12
N GLY A 281 -18.97 -58.40 -21.90
CA GLY A 281 -18.88 -59.83 -21.68
C GLY A 281 -20.16 -60.63 -21.85
N GLY A 282 -20.90 -60.41 -22.93
CA GLY A 282 -21.94 -61.35 -23.33
C GLY A 282 -23.24 -61.13 -22.59
N GLN A 283 -23.97 -62.21 -22.33
CA GLN A 283 -25.33 -62.12 -21.84
C GLN A 283 -25.44 -61.24 -20.60
N VAL A 284 -26.65 -60.77 -20.33
CA VAL A 284 -26.92 -59.83 -19.26
C VAL A 284 -28.00 -60.42 -18.37
N THR A 285 -28.01 -59.97 -17.11
CA THR A 285 -29.02 -60.35 -16.14
C THR A 285 -29.47 -59.10 -15.40
N ALA A 286 -30.76 -59.00 -15.12
CA ALA A 286 -31.28 -57.80 -14.49
C ALA A 286 -30.69 -57.63 -13.10
N GLY A 287 -30.96 -56.48 -12.50
CA GLY A 287 -30.50 -56.19 -11.16
C GLY A 287 -29.88 -54.81 -11.04
N ASN A 288 -29.41 -54.46 -9.86
CA ASN A 288 -28.83 -53.14 -9.65
C ASN A 288 -27.53 -52.98 -10.44
N VAL A 289 -27.08 -51.74 -10.53
CA VAL A 289 -25.80 -51.40 -11.13
C VAL A 289 -25.24 -50.20 -10.40
N GLN A 290 -23.93 -50.20 -10.14
CA GLN A 290 -23.30 -49.07 -9.49
C GLN A 290 -21.83 -49.02 -9.89
N SER A 291 -21.29 -47.81 -9.92
CA SER A 291 -19.87 -47.57 -10.15
C SER A 291 -19.50 -46.21 -9.57
N ILE A 292 -18.37 -46.17 -8.87
CA ILE A 292 -17.86 -44.96 -8.25
C ILE A 292 -16.63 -44.52 -9.02
N ILE A 293 -16.63 -43.26 -9.45
CA ILE A 293 -15.60 -42.71 -10.32
C ILE A 293 -15.00 -41.49 -9.64
N GLY A 294 -13.69 -41.35 -9.75
CA GLY A 294 -13.00 -40.18 -9.25
C GLY A 294 -12.38 -39.38 -10.38
N VAL A 295 -12.53 -38.06 -10.30
CA VAL A 295 -12.00 -37.15 -11.31
C VAL A 295 -10.84 -36.38 -10.70
N THR A 296 -9.71 -36.38 -11.39
CA THR A 296 -8.50 -35.67 -10.98
C THR A 296 -8.22 -34.56 -11.98
N PHE A 297 -7.77 -33.41 -11.48
CA PHE A 297 -7.43 -32.28 -12.33
C PHE A 297 -5.92 -32.04 -12.35
N VAL A 298 -5.43 -31.57 -13.49
CA VAL A 298 -4.00 -31.40 -13.74
C VAL A 298 -3.79 -30.08 -14.46
N TYR A 299 -2.75 -29.35 -14.05
CA TYR A 299 -2.46 -28.07 -14.69
C TYR A 299 -1.87 -28.29 -16.08
N GLN A 300 -2.14 -27.35 -16.97
CA GLN A 300 -1.72 -27.46 -18.36
C GLN A 300 -1.25 -26.11 -18.90
N ALA B 24 -8.19 -38.13 -7.83
CA ALA B 24 -9.63 -38.30 -7.49
C ALA B 24 -10.07 -37.28 -6.46
N ASP B 25 -9.99 -36.00 -6.82
CA ASP B 25 -10.46 -34.94 -5.95
C ASP B 25 -11.95 -34.69 -6.09
N VAL B 26 -12.60 -35.30 -7.08
CA VAL B 26 -14.06 -35.33 -7.18
C VAL B 26 -14.47 -36.78 -7.39
N THR B 27 -15.45 -37.23 -6.61
CA THR B 27 -15.94 -38.59 -6.66
C THR B 27 -17.39 -38.60 -7.11
N ILE B 28 -17.69 -39.49 -8.05
CA ILE B 28 -18.99 -39.53 -8.73
C ILE B 28 -19.61 -40.89 -8.44
N THR B 29 -20.87 -40.90 -8.02
CA THR B 29 -21.60 -42.13 -7.75
C THR B 29 -22.67 -42.33 -8.82
N VAL B 30 -22.58 -43.43 -9.55
CA VAL B 30 -23.53 -43.75 -10.62
C VAL B 30 -24.48 -44.82 -10.09
N ASN B 31 -25.77 -44.53 -10.10
CA ASN B 31 -26.80 -45.45 -9.64
C ASN B 31 -27.69 -45.85 -10.82
N GLY B 32 -27.83 -47.15 -11.04
CA GLY B 32 -28.62 -47.63 -12.15
C GLY B 32 -29.22 -48.98 -11.85
N LYS B 33 -30.09 -49.44 -12.75
CA LYS B 33 -30.75 -50.72 -12.59
C LYS B 33 -31.10 -51.26 -13.97
N VAL B 34 -31.20 -52.58 -14.07
CA VAL B 34 -31.61 -53.26 -15.29
C VAL B 34 -32.86 -54.06 -14.98
N VAL B 35 -33.78 -54.09 -15.93
CA VAL B 35 -35.02 -54.85 -15.81
C VAL B 35 -35.35 -55.49 -17.15
N GLU C 1 2.45 -5.90 -12.84
CA GLU C 1 3.06 -5.64 -11.50
C GLU C 1 2.06 -4.97 -10.58
N ILE C 2 2.46 -4.79 -9.32
CA ILE C 2 1.59 -4.14 -8.34
C ILE C 2 1.60 -2.64 -8.57
N GLN C 3 0.40 -2.05 -8.65
CA GLN C 3 0.27 -0.62 -8.85
C GLN C 3 -1.00 -0.13 -8.18
N LEU C 4 -0.90 1.05 -7.56
CA LEU C 4 -2.03 1.67 -6.88
C LEU C 4 -2.29 3.02 -7.55
N GLN C 5 -3.35 3.08 -8.37
CA GLN C 5 -3.71 4.28 -9.11
C GLN C 5 -4.76 5.04 -8.32
N GLN C 6 -4.44 6.28 -7.97
CA GLN C 6 -5.35 7.15 -7.23
C GLN C 6 -6.00 8.17 -8.16
N SER C 7 -6.95 8.90 -7.61
CA SER C 7 -7.61 9.97 -8.36
C SER C 7 -6.74 11.20 -8.42
N GLY C 8 -7.14 12.16 -9.26
CA GLY C 8 -6.38 13.36 -9.46
C GLY C 8 -6.57 14.35 -8.31
N PRO C 9 -5.85 15.47 -8.40
CA PRO C 9 -5.87 16.47 -7.31
C PRO C 9 -7.28 17.00 -7.07
N GLU C 10 -7.58 17.28 -5.81
CA GLU C 10 -8.87 17.82 -5.43
C GLU C 10 -8.72 19.26 -4.96
N ARG C 11 -9.83 19.99 -4.96
CA ARG C 11 -9.86 21.38 -4.52
C ARG C 11 -11.25 21.64 -3.96
N MET C 12 -11.33 21.82 -2.65
CA MET C 12 -12.61 21.95 -1.95
C MET C 12 -12.60 23.18 -1.05
N LYS C 13 -13.79 23.71 -0.81
CA LYS C 13 -13.95 24.80 0.13
C LYS C 13 -13.83 24.27 1.55
N PRO C 14 -13.54 25.14 2.52
CA PRO C 14 -13.65 24.72 3.92
C PRO C 14 -15.08 24.31 4.24
N GLY C 15 -15.21 23.28 5.06
CA GLY C 15 -16.51 22.72 5.40
C GLY C 15 -17.01 21.66 4.44
N ALA C 16 -16.32 21.41 3.34
CA ALA C 16 -16.75 20.39 2.40
C ALA C 16 -16.30 19.01 2.88
N SER C 17 -16.53 18.01 2.04
CA SER C 17 -16.12 16.65 2.31
C SER C 17 -15.70 16.00 1.01
N VAL C 18 -14.54 15.36 1.01
CA VAL C 18 -13.90 14.85 -0.20
C VAL C 18 -13.76 13.34 -0.04
N LYS C 19 -13.62 12.66 -1.19
CA LYS C 19 -13.49 11.21 -1.21
C LYS C 19 -12.39 10.84 -2.21
N ILE C 20 -11.28 10.32 -1.70
CA ILE C 20 -10.21 9.85 -2.57
C ILE C 20 -10.37 8.36 -2.80
N SER C 21 -9.97 7.91 -3.99
CA SER C 21 -10.06 6.51 -4.36
C SER C 21 -8.68 5.98 -4.72
N CYS C 22 -8.54 4.66 -4.70
CA CYS C 22 -7.25 4.01 -4.96
C CYS C 22 -7.53 2.67 -5.63
N LYS C 23 -7.41 2.64 -6.95
CA LYS C 23 -7.73 1.44 -7.72
C LYS C 23 -6.53 0.50 -7.73
N ALA C 24 -6.59 -0.55 -6.93
CA ALA C 24 -5.51 -1.52 -6.88
C ALA C 24 -5.63 -2.51 -8.02
N SER C 25 -4.49 -3.08 -8.42
CA SER C 25 -4.46 -4.06 -9.49
C SER C 25 -3.16 -4.82 -9.43
N GLY C 26 -3.15 -6.00 -10.06
CA GLY C 26 -1.98 -6.85 -10.11
C GLY C 26 -1.85 -7.84 -8.99
N TYR C 27 -2.81 -7.91 -8.07
CA TYR C 27 -2.74 -8.86 -6.97
C TYR C 27 -4.13 -9.05 -6.38
N SER C 28 -4.27 -10.13 -5.60
CA SER C 28 -5.53 -10.45 -4.95
C SER C 28 -5.89 -9.36 -3.94
N PHE C 29 -6.92 -8.58 -4.26
CA PHE C 29 -7.21 -7.38 -3.49
C PHE C 29 -7.58 -7.70 -2.05
N THR C 30 -8.15 -8.88 -1.80
CA THR C 30 -8.70 -9.18 -0.49
C THR C 30 -7.68 -9.79 0.47
N THR C 31 -6.53 -10.23 -0.03
CA THR C 31 -5.59 -11.00 0.78
C THR C 31 -4.57 -10.11 1.51
N TYR C 32 -4.64 -8.80 1.34
CA TYR C 32 -3.68 -7.89 1.95
C TYR C 32 -4.42 -6.68 2.52
N TYR C 33 -3.83 -6.03 3.51
CA TYR C 33 -4.42 -4.83 4.06
C TYR C 33 -4.07 -3.62 3.18
N ILE C 34 -4.73 -2.51 3.46
CA ILE C 34 -4.48 -1.23 2.80
C ILE C 34 -4.39 -0.15 3.87
N HIS C 35 -3.36 0.69 3.77
CA HIS C 35 -3.13 1.76 4.73
C HIS C 35 -3.22 3.11 4.03
N TRP C 36 -3.46 4.15 4.82
CA TRP C 36 -3.51 5.51 4.31
C TRP C 36 -2.58 6.39 5.14
N VAL C 37 -1.74 7.16 4.45
CA VAL C 37 -0.68 7.94 5.06
C VAL C 37 -0.79 9.37 4.55
N LYS C 38 -0.59 10.34 5.45
CA LYS C 38 -0.68 11.76 5.13
C LYS C 38 0.71 12.38 5.23
N GLN C 39 1.19 12.98 4.14
CA GLN C 39 2.43 13.73 4.15
C GLN C 39 2.11 15.22 4.14
N SER C 40 2.04 15.82 5.32
CA SER C 40 1.77 17.25 5.40
C SER C 40 2.86 18.01 4.66
N HIS C 41 2.64 19.32 4.48
CA HIS C 41 3.56 20.11 3.69
C HIS C 41 4.85 20.44 4.42
N GLY C 42 4.98 20.03 5.68
CA GLY C 42 6.29 19.94 6.29
C GLY C 42 7.09 18.72 5.87
N ARG C 43 6.48 17.86 5.05
CA ARG C 43 7.13 16.69 4.46
C ARG C 43 7.26 15.55 5.46
N SER C 44 6.74 15.73 6.67
CA SER C 44 6.70 14.63 7.63
C SER C 44 5.54 13.71 7.29
N LEU C 45 5.77 12.40 7.49
CA LEU C 45 4.78 11.38 7.20
C LEU C 45 3.97 11.07 8.44
N GLU C 46 2.66 10.87 8.27
CA GLU C 46 1.74 10.58 9.36
C GLU C 46 0.79 9.47 8.93
N TRP C 47 0.34 8.68 9.90
CA TRP C 47 -0.37 7.45 9.66
C TRP C 47 -1.85 7.62 10.02
N ILE C 48 -2.74 7.18 9.14
CA ILE C 48 -4.17 7.38 9.32
C ILE C 48 -4.80 6.11 9.88
N GLY C 49 -4.77 5.04 9.11
CA GLY C 49 -5.38 3.79 9.56
C GLY C 49 -5.31 2.74 8.49
N TYR C 50 -5.87 1.58 8.81
CA TYR C 50 -5.92 0.45 7.88
C TYR C 50 -7.33 -0.13 7.82
N ILE C 51 -7.61 -0.78 6.70
CA ILE C 51 -8.87 -1.49 6.47
C ILE C 51 -8.54 -2.83 5.83
N ASP C 52 -9.21 -3.89 6.29
CA ASP C 52 -9.07 -5.19 5.68
C ASP C 52 -10.09 -5.32 4.56
N PRO C 53 -9.67 -5.46 3.30
CA PRO C 53 -10.65 -5.58 2.22
C PRO C 53 -11.18 -6.99 2.04
N PHE C 54 -11.45 -7.69 3.14
CA PHE C 54 -12.17 -8.95 3.10
C PHE C 54 -13.42 -8.86 3.96
N ASN C 55 -13.27 -8.33 5.17
CA ASN C 55 -14.36 -8.17 6.11
C ASN C 55 -14.60 -6.73 6.52
N ASP C 56 -13.81 -5.79 5.98
CA ASP C 56 -14.00 -4.35 6.22
C ASP C 56 -13.82 -3.98 7.69
N ASP C 57 -12.93 -4.67 8.39
CA ASP C 57 -12.50 -4.20 9.71
C ASP C 57 -11.50 -3.06 9.54
N THR C 58 -11.66 -2.04 10.36
CA THR C 58 -10.80 -0.86 10.29
C THR C 58 -10.27 -0.51 11.67
N ASN C 59 -9.05 0.02 11.69
CA ASN C 59 -8.50 0.66 12.86
C ASN C 59 -7.97 2.03 12.44
N TYR C 60 -8.29 3.04 13.22
CA TYR C 60 -7.96 4.42 12.89
C TYR C 60 -7.00 4.99 13.91
N ASN C 61 -6.03 5.75 13.42
CA ASN C 61 -5.19 6.53 14.31
C ASN C 61 -6.05 7.39 15.20
N GLN C 62 -5.71 7.46 16.49
CA GLN C 62 -6.51 8.23 17.42
C GLN C 62 -6.59 9.70 17.02
N LYS C 63 -5.63 10.17 16.22
CA LYS C 63 -5.58 11.57 15.84
C LYS C 63 -6.70 11.95 14.86
N PHE C 64 -7.08 11.02 13.99
CA PHE C 64 -8.00 11.31 12.91
C PHE C 64 -9.34 10.58 12.99
N LYS C 65 -9.52 9.67 13.94
CA LYS C 65 -10.65 8.74 13.84
C LYS C 65 -11.99 9.45 13.71
N GLY C 66 -12.13 10.64 14.27
CA GLY C 66 -13.38 11.37 14.15
C GLY C 66 -13.54 12.12 12.86
N LYS C 67 -12.55 12.06 11.97
CA LYS C 67 -12.52 12.87 10.77
C LYS C 67 -12.37 12.03 9.52
N ALA C 68 -11.59 10.97 9.59
CA ALA C 68 -11.37 10.11 8.46
C ALA C 68 -12.33 8.93 8.47
N THR C 69 -12.36 8.19 7.37
CA THR C 69 -13.22 7.04 7.25
C THR C 69 -12.79 6.25 6.03
N LEU C 70 -12.60 4.95 6.20
CA LEU C 70 -12.16 4.09 5.13
C LEU C 70 -13.30 3.15 4.72
N THR C 71 -13.36 2.86 3.42
CA THR C 71 -14.36 1.95 2.89
C THR C 71 -13.76 1.28 1.67
N VAL C 72 -14.38 0.20 1.24
CA VAL C 72 -13.84 -0.61 0.16
C VAL C 72 -14.98 -1.10 -0.71
N ASP C 73 -14.71 -1.25 -2.00
CA ASP C 73 -15.60 -1.91 -2.94
C ASP C 73 -14.89 -3.15 -3.45
N LYS C 74 -15.30 -4.32 -2.96
CA LYS C 74 -14.61 -5.56 -3.32
C LYS C 74 -14.71 -5.84 -4.81
N SER C 75 -15.86 -5.57 -5.42
CA SER C 75 -16.09 -5.95 -6.81
C SER C 75 -15.08 -5.31 -7.74
N SER C 76 -14.86 -4.00 -7.60
CA SER C 76 -13.94 -3.28 -8.47
C SER C 76 -12.51 -3.25 -7.92
N SER C 77 -12.25 -3.87 -6.79
CA SER C 77 -10.93 -3.83 -6.16
C SER C 77 -10.47 -2.38 -5.97
N THR C 78 -11.36 -1.58 -5.38
CA THR C 78 -11.09 -0.17 -5.14
C THR C 78 -11.33 0.15 -3.68
N ALA C 79 -10.39 0.85 -3.07
CA ALA C 79 -10.55 1.38 -1.71
C ALA C 79 -10.86 2.86 -1.80
N TYR C 80 -11.37 3.41 -0.71
CA TYR C 80 -11.77 4.80 -0.67
C TYR C 80 -11.33 5.44 0.64
N MET C 81 -10.93 6.70 0.55
CA MET C 81 -10.57 7.51 1.71
C MET C 81 -11.50 8.71 1.73
N HIS C 82 -12.20 8.90 2.85
CA HIS C 82 -13.17 9.97 2.98
C HIS C 82 -12.81 10.84 4.17
N LEU C 83 -12.79 12.15 3.96
CA LEU C 83 -12.43 13.09 5.00
C LEU C 83 -13.44 14.21 5.00
N SER C 84 -13.97 14.54 6.18
CA SER C 84 -15.11 15.43 6.29
C SER C 84 -14.77 16.61 7.17
N SER C 85 -15.56 17.68 7.03
CA SER C 85 -15.34 18.92 7.77
C SER C 85 -13.92 19.43 7.57
N LEU C 86 -13.58 19.74 6.32
CA LEU C 86 -12.21 20.11 5.99
C LEU C 86 -11.85 21.46 6.61
N THR C 87 -10.56 21.68 6.78
CA THR C 87 -10.04 22.97 7.22
C THR C 87 -8.70 23.19 6.52
N SER C 88 -7.99 24.24 6.95
CA SER C 88 -6.72 24.58 6.31
C SER C 88 -5.72 23.45 6.44
N GLU C 89 -5.64 22.85 7.62
CA GLU C 89 -4.63 21.83 7.89
C GLU C 89 -4.75 20.62 6.99
N ASP C 90 -5.93 20.35 6.44
CA ASP C 90 -6.14 19.16 5.65
C ASP C 90 -5.46 19.21 4.29
N SER C 91 -4.85 20.35 3.94
CA SER C 91 -4.06 20.44 2.72
C SER C 91 -2.81 19.59 2.88
N ALA C 92 -2.72 18.51 2.12
CA ALA C 92 -1.58 17.61 2.20
C ALA C 92 -1.65 16.65 1.02
N VAL C 93 -0.76 15.68 1.02
CA VAL C 93 -0.76 14.60 0.02
C VAL C 93 -1.06 13.30 0.74
N TYR C 94 -1.94 12.49 0.15
CA TYR C 94 -2.44 11.28 0.77
C TYR C 94 -2.09 10.08 -0.10
N TYR C 95 -1.51 9.06 0.53
CA TYR C 95 -1.06 7.87 -0.17
C TYR C 95 -1.86 6.66 0.31
N CYS C 96 -2.32 5.85 -0.64
CA CYS C 96 -2.81 4.52 -0.34
C CYS C 96 -1.67 3.53 -0.51
N ALA C 97 -1.49 2.68 0.50
CA ALA C 97 -0.35 1.78 0.54
C ALA C 97 -0.78 0.38 0.94
N ARG C 98 -0.23 -0.61 0.25
CA ARG C 98 -0.38 -2.01 0.63
C ARG C 98 0.40 -2.26 1.92
N SER C 99 0.38 -3.50 2.40
CA SER C 99 1.16 -3.87 3.57
C SER C 99 1.53 -5.35 3.49
N TYR C 100 2.73 -5.66 3.97
CA TYR C 100 3.19 -7.04 4.06
C TYR C 100 4.40 -7.09 4.98
N TYR C 101 4.40 -8.07 5.88
CA TYR C 101 5.53 -8.30 6.78
C TYR C 101 5.88 -7.06 7.59
N GLY C 102 4.87 -6.30 8.01
CA GLY C 102 5.12 -5.13 8.82
C GLY C 102 5.62 -3.93 8.06
N SER C 103 5.51 -3.95 6.73
CA SER C 103 6.04 -2.89 5.88
C SER C 103 5.02 -2.52 4.82
N LEU C 104 5.03 -1.25 4.44
CA LEU C 104 4.16 -0.73 3.38
C LEU C 104 4.91 -0.90 2.06
N ASP C 105 4.75 -2.08 1.45
CA ASP C 105 5.62 -2.50 0.37
C ASP C 105 5.26 -1.91 -0.99
N TYR C 106 4.13 -1.21 -1.11
CA TYR C 106 3.78 -0.53 -2.35
C TYR C 106 2.90 0.67 -2.04
N TRP C 107 3.20 1.79 -2.69
CA TRP C 107 2.49 3.04 -2.47
C TRP C 107 1.83 3.51 -3.76
N GLY C 108 0.88 4.44 -3.63
CA GLY C 108 0.27 5.08 -4.77
C GLY C 108 0.92 6.41 -5.09
N GLN C 109 0.54 6.97 -6.25
CA GLN C 109 1.20 8.17 -6.75
C GLN C 109 0.96 9.37 -5.86
N GLY C 110 -0.01 9.27 -4.96
CA GLY C 110 -0.36 10.41 -4.12
C GLY C 110 -1.45 11.23 -4.76
N THR C 111 -2.25 11.90 -3.95
CA THR C 111 -3.33 12.76 -4.42
C THR C 111 -3.29 14.05 -3.64
N THR C 112 -3.13 15.17 -4.34
CA THR C 112 -2.99 16.45 -3.69
C THR C 112 -4.36 17.06 -3.41
N LEU C 113 -4.63 17.35 -2.14
CA LEU C 113 -5.87 17.98 -1.73
C LEU C 113 -5.58 19.41 -1.32
N THR C 114 -6.27 20.36 -1.98
CA THR C 114 -6.17 21.76 -1.64
C THR C 114 -7.47 22.22 -1.01
N VAL C 115 -7.37 22.77 0.20
CA VAL C 115 -8.55 23.29 0.89
C VAL C 115 -8.47 24.80 0.87
N SER C 116 -9.08 25.40 -0.16
CA SER C 116 -8.89 26.82 -0.46
C SER C 116 -10.23 27.52 -0.56
N SER C 117 -10.31 28.71 0.03
CA SER C 117 -11.51 29.54 -0.09
C SER C 117 -11.47 30.45 -1.31
N ALA C 118 -10.28 30.78 -1.80
CA ALA C 118 -10.13 31.70 -2.91
C ALA C 118 -10.65 31.08 -4.20
N LYS C 119 -10.66 31.86 -5.28
CA LYS C 119 -11.25 31.45 -6.54
C LYS C 119 -10.27 31.72 -7.68
N THR C 120 -10.51 31.05 -8.82
CA THR C 120 -9.56 31.08 -9.91
C THR C 120 -9.26 32.50 -10.34
N THR C 121 -7.99 32.78 -10.62
CA THR C 121 -7.53 34.15 -10.80
C THR C 121 -6.26 34.22 -11.65
N PRO C 122 -6.29 34.90 -12.80
CA PRO C 122 -5.03 35.22 -13.47
C PRO C 122 -4.29 36.32 -12.74
N PRO C 123 -2.96 36.26 -12.67
CA PRO C 123 -2.23 37.20 -11.79
C PRO C 123 -1.87 38.53 -12.43
N SER C 124 -1.21 39.38 -11.66
CA SER C 124 -0.55 40.56 -12.20
C SER C 124 0.96 40.33 -12.16
N VAL C 125 1.66 40.97 -13.09
CA VAL C 125 3.07 40.72 -13.34
C VAL C 125 3.80 42.04 -13.47
N TYR C 126 5.02 42.10 -12.93
CA TYR C 126 5.84 43.29 -12.99
C TYR C 126 7.25 42.91 -13.41
N PRO C 127 7.91 43.74 -14.22
CA PRO C 127 9.29 43.45 -14.60
C PRO C 127 10.28 44.05 -13.61
N LEU C 128 11.50 43.53 -13.66
CA LEU C 128 12.59 43.99 -12.81
C LEU C 128 13.79 44.31 -13.69
N ALA C 129 14.38 45.49 -13.48
CA ALA C 129 15.55 45.93 -14.21
C ALA C 129 16.57 46.45 -13.22
N PRO C 130 17.86 46.44 -13.58
CA PRO C 130 18.92 46.64 -12.57
C PRO C 130 18.77 47.90 -11.74
N GLY C 131 18.32 49.01 -12.31
CA GLY C 131 18.18 50.23 -11.55
C GLY C 131 19.40 51.14 -11.65
N SER C 132 20.28 51.06 -10.66
CA SER C 132 21.44 51.95 -10.64
C SER C 132 22.23 51.87 -11.94
N ALA C 133 22.82 50.70 -12.21
CA ALA C 133 23.65 50.50 -13.40
C ALA C 133 24.02 49.03 -13.44
N ALA C 134 24.85 48.66 -14.41
CA ALA C 134 25.44 47.33 -14.45
C ALA C 134 26.52 47.22 -13.38
N GLN C 135 26.11 46.90 -12.15
CA GLN C 135 27.00 46.89 -11.00
C GLN C 135 28.11 45.85 -11.11
N THR C 136 28.05 44.98 -12.12
CA THR C 136 29.13 44.01 -12.34
C THR C 136 29.20 43.78 -13.85
N ASN C 137 30.20 44.37 -14.49
CA ASN C 137 30.25 44.42 -15.95
C ASN C 137 30.90 43.15 -16.52
N SER C 138 30.39 42.01 -16.07
CA SER C 138 30.72 40.74 -16.72
C SER C 138 29.45 39.96 -17.02
N MET C 139 28.49 40.02 -16.10
CA MET C 139 27.23 39.28 -16.20
C MET C 139 26.21 40.00 -15.34
N VAL C 140 25.03 40.26 -15.89
CA VAL C 140 24.00 41.02 -15.20
C VAL C 140 22.78 40.13 -14.98
N THR C 141 22.03 40.43 -13.92
CA THR C 141 20.91 39.61 -13.47
C THR C 141 19.59 40.32 -13.67
N LEU C 142 18.66 39.64 -14.34
CA LEU C 142 17.32 40.16 -14.61
C LEU C 142 16.30 39.18 -14.05
N GLY C 143 15.09 39.69 -13.81
CA GLY C 143 14.05 38.85 -13.22
C GLY C 143 12.67 39.44 -13.41
N CYS C 144 11.68 38.58 -13.25
CA CYS C 144 10.27 38.96 -13.35
C CYS C 144 9.53 38.50 -12.11
N LEU C 145 8.56 39.31 -11.68
CA LEU C 145 7.78 39.06 -10.48
C LEU C 145 6.36 38.70 -10.89
N VAL C 146 5.90 37.52 -10.50
CA VAL C 146 4.54 37.05 -10.78
C VAL C 146 3.79 36.99 -9.45
N LYS C 147 2.69 37.72 -9.37
CA LYS C 147 1.99 37.91 -8.10
C LYS C 147 0.50 37.67 -8.29
N GLY C 148 -0.08 36.86 -7.40
CA GLY C 148 -1.51 36.78 -7.24
C GLY C 148 -2.25 35.93 -8.26
N TYR C 149 -1.93 34.64 -8.34
CA TYR C 149 -2.64 33.73 -9.24
C TYR C 149 -3.31 32.63 -8.44
N PHE C 150 -4.15 31.86 -9.14
CA PHE C 150 -4.78 30.68 -8.57
C PHE C 150 -5.45 29.86 -9.67
N PRO C 151 -5.31 28.53 -9.66
CA PRO C 151 -4.51 27.69 -8.75
C PRO C 151 -3.09 27.54 -9.27
N GLU C 152 -2.30 26.63 -8.69
CA GLU C 152 -1.03 26.27 -9.30
C GLU C 152 -1.29 25.43 -10.55
N PRO C 153 -0.34 25.36 -11.47
CA PRO C 153 0.97 26.02 -11.49
C PRO C 153 1.02 27.24 -12.40
N VAL C 154 2.06 28.05 -12.27
CA VAL C 154 2.40 29.02 -13.27
C VAL C 154 3.73 28.60 -13.91
N THR C 155 3.90 28.92 -15.18
CA THR C 155 5.10 28.53 -15.90
C THR C 155 5.75 29.77 -16.48
N VAL C 156 6.98 30.04 -16.04
CA VAL C 156 7.71 31.25 -16.43
C VAL C 156 8.85 30.85 -17.34
N THR C 157 8.94 31.49 -18.50
CA THR C 157 10.03 31.26 -19.43
C THR C 157 10.45 32.59 -20.00
N TRP C 158 11.73 32.69 -20.36
CA TRP C 158 12.33 33.93 -20.82
C TRP C 158 12.68 33.77 -22.29
N ASN C 159 12.19 34.70 -23.12
CA ASN C 159 12.47 34.69 -24.55
C ASN C 159 12.19 33.31 -25.14
N SER C 160 11.03 32.78 -24.82
CA SER C 160 10.64 31.43 -25.23
C SER C 160 11.70 30.39 -24.89
N GLY C 161 12.55 30.69 -23.90
CA GLY C 161 13.59 29.78 -23.46
C GLY C 161 14.97 30.09 -24.02
N SER C 162 15.13 31.20 -24.74
CA SER C 162 16.45 31.51 -25.30
C SER C 162 17.47 31.76 -24.19
N LEU C 163 17.06 32.41 -23.11
CA LEU C 163 17.97 32.80 -22.04
C LEU C 163 17.74 31.97 -20.79
N SER C 164 17.49 30.68 -20.97
CA SER C 164 17.48 29.73 -19.86
C SER C 164 18.93 29.42 -19.48
N SER C 165 19.12 28.44 -18.60
CA SER C 165 20.45 28.01 -18.18
C SER C 165 21.11 29.02 -17.27
N GLY C 166 20.47 30.17 -17.07
CA GLY C 166 20.86 31.11 -16.04
C GLY C 166 19.64 31.47 -15.22
N VAL C 167 18.64 30.60 -15.25
CA VAL C 167 17.30 30.89 -14.75
C VAL C 167 17.13 30.24 -13.39
N HIS C 168 16.57 30.98 -12.44
CA HIS C 168 16.31 30.49 -11.10
C HIS C 168 14.85 30.75 -10.76
N THR C 169 13.99 29.79 -11.09
CA THR C 169 12.56 29.89 -10.81
C THR C 169 12.31 29.40 -9.40
N PHE C 170 11.97 30.32 -8.52
CA PHE C 170 11.73 29.97 -7.14
C PHE C 170 10.34 29.35 -6.97
N PRO C 171 10.16 28.46 -5.99
CA PRO C 171 8.84 27.86 -5.80
C PRO C 171 7.83 28.89 -5.32
N ALA C 172 6.57 28.66 -5.68
CA ALA C 172 5.51 29.60 -5.33
C ALA C 172 5.21 29.56 -3.83
N VAL C 173 4.72 30.68 -3.32
CA VAL C 173 4.33 30.79 -1.92
C VAL C 173 2.97 31.46 -1.85
N LEU C 174 2.26 31.24 -0.75
CA LEU C 174 0.88 31.68 -0.59
C LEU C 174 0.84 32.90 0.32
N GLN C 175 0.16 33.95 -0.14
CA GLN C 175 -0.09 35.15 0.65
C GLN C 175 -1.57 35.47 0.55
N SER C 176 -2.29 35.32 1.67
CA SER C 176 -3.74 35.51 1.69
C SER C 176 -4.43 34.60 0.67
N ASP C 177 -3.95 33.36 0.58
CA ASP C 177 -4.46 32.36 -0.33
C ASP C 177 -4.35 32.78 -1.79
N LEU C 178 -3.37 33.60 -2.13
CA LEU C 178 -3.07 33.97 -3.51
C LEU C 178 -1.58 33.77 -3.74
N TYR C 179 -1.24 32.96 -4.73
CA TYR C 179 0.14 32.55 -4.93
C TYR C 179 0.99 33.68 -5.49
N THR C 180 2.18 33.84 -4.91
CA THR C 180 3.17 34.80 -5.38
C THR C 180 4.43 34.03 -5.77
N LEU C 181 5.06 34.45 -6.86
CA LEU C 181 6.19 33.72 -7.40
C LEU C 181 7.11 34.70 -8.11
N SER C 182 8.36 34.28 -8.31
CA SER C 182 9.34 35.09 -9.02
C SER C 182 10.31 34.18 -9.75
N SER C 183 10.96 34.74 -10.76
CA SER C 183 11.91 34.01 -11.57
C SER C 183 13.01 34.96 -12.02
N SER C 184 14.25 34.49 -11.96
CA SER C 184 15.41 35.35 -12.17
C SER C 184 16.31 34.76 -13.24
N VAL C 185 16.86 35.64 -14.08
CA VAL C 185 17.78 35.24 -15.13
C VAL C 185 18.96 36.19 -15.14
N THR C 186 20.11 35.68 -15.57
CA THR C 186 21.33 36.45 -15.70
C THR C 186 21.91 36.24 -17.09
N VAL C 187 22.28 37.33 -17.74
CA VAL C 187 22.62 37.28 -19.17
C VAL C 187 23.95 37.97 -19.42
N PRO C 188 24.66 37.62 -20.50
CA PRO C 188 25.92 38.30 -20.80
C PRO C 188 25.70 39.79 -21.00
N SER C 189 26.69 40.59 -20.63
CA SER C 189 26.53 42.04 -20.64
C SER C 189 26.84 42.61 -22.02
N SER C 190 26.70 41.78 -23.05
CA SER C 190 26.61 42.24 -24.43
C SER C 190 25.25 41.97 -25.05
N THR C 191 24.42 41.15 -24.41
CA THR C 191 23.15 40.77 -25.01
C THR C 191 22.03 41.76 -24.68
N TRP C 192 22.08 42.38 -23.51
CA TRP C 192 21.02 43.27 -23.03
C TRP C 192 21.68 44.56 -22.57
N PRO C 193 21.18 45.74 -22.97
CA PRO C 193 20.00 46.06 -23.79
C PRO C 193 19.99 45.54 -25.23
N SER C 194 21.03 44.86 -25.70
CA SER C 194 21.14 44.56 -27.12
C SER C 194 19.99 43.69 -27.64
N GLU C 195 19.32 42.96 -26.76
CA GLU C 195 18.25 42.06 -27.17
C GLU C 195 17.00 42.29 -26.34
N THR C 196 15.87 41.82 -26.86
CA THR C 196 14.56 42.01 -26.24
C THR C 196 14.35 40.99 -25.12
N VAL C 197 14.95 41.28 -23.96
CA VAL C 197 14.89 40.36 -22.83
C VAL C 197 13.71 40.68 -21.95
N THR C 198 12.54 40.14 -22.28
CA THR C 198 11.36 40.30 -21.44
C THR C 198 10.76 38.92 -21.24
N CYS C 199 10.13 38.72 -20.08
CA CYS C 199 9.72 37.39 -19.66
C CYS C 199 8.36 37.01 -20.22
N ASN C 200 8.13 35.69 -20.30
CA ASN C 200 6.88 35.11 -20.75
C ASN C 200 6.29 34.27 -19.63
N VAL C 201 4.99 34.45 -19.37
CA VAL C 201 4.31 33.78 -18.27
C VAL C 201 3.00 33.20 -18.77
N ALA C 202 2.67 32.01 -18.29
CA ALA C 202 1.44 31.33 -18.69
C ALA C 202 0.76 30.77 -17.47
N HIS C 203 -0.57 30.62 -17.57
CA HIS C 203 -1.38 30.14 -16.46
C HIS C 203 -2.49 29.23 -16.99
N PRO C 204 -2.54 27.96 -16.58
CA PRO C 204 -3.70 27.13 -16.91
C PRO C 204 -4.95 27.63 -16.20
N ALA C 205 -6.08 27.10 -16.64
CA ALA C 205 -7.40 27.46 -16.11
C ALA C 205 -7.77 28.92 -16.40
N SER C 206 -6.91 29.65 -17.10
CA SER C 206 -7.21 31.01 -17.50
C SER C 206 -6.85 31.22 -18.97
N SER C 207 -6.05 30.31 -19.52
CA SER C 207 -5.62 30.39 -20.92
C SER C 207 -4.90 31.71 -21.21
N THR C 208 -4.16 32.20 -20.23
CA THR C 208 -3.39 33.43 -20.40
C THR C 208 -1.95 33.09 -20.76
N ASP D 1 2.20 6.84 22.42
CA ASP D 1 2.68 6.36 21.11
C ASP D 1 4.16 6.06 21.17
N ILE D 2 4.74 5.64 20.05
CA ILE D 2 6.17 5.41 19.92
C ILE D 2 6.75 6.60 19.16
N GLN D 3 7.66 7.34 19.80
CA GLN D 3 8.22 8.55 19.20
C GLN D 3 9.53 8.21 18.52
N MET D 4 9.44 7.85 17.24
CA MET D 4 10.62 7.60 16.43
C MET D 4 11.40 8.90 16.21
N THR D 5 12.71 8.76 15.99
CA THR D 5 13.60 9.90 15.87
C THR D 5 14.78 9.53 15.01
N GLN D 6 15.21 10.47 14.16
CA GLN D 6 16.39 10.32 13.34
C GLN D 6 17.45 11.32 13.80
N THR D 7 18.71 10.88 13.84
CA THR D 7 19.75 11.67 14.49
C THR D 7 19.96 13.03 13.86
N THR D 8 19.93 13.14 12.53
CA THR D 8 20.23 14.39 11.86
C THR D 8 19.27 14.58 10.69
N SER D 9 18.83 15.83 10.52
CA SER D 9 17.86 16.16 9.49
C SER D 9 18.46 16.22 8.09
N SER D 10 19.74 16.55 7.97
CA SER D 10 20.38 16.68 6.67
C SER D 10 21.78 16.12 6.75
N LEU D 11 22.17 15.32 5.76
CA LEU D 11 23.46 14.65 5.74
C LEU D 11 24.25 15.16 4.55
N SER D 12 25.25 16.00 4.81
CA SER D 12 26.10 16.55 3.76
C SER D 12 27.06 15.46 3.33
N ALA D 13 26.62 14.63 2.40
CA ALA D 13 27.40 13.52 1.91
C ALA D 13 28.26 13.96 0.74
N SER D 14 28.90 13.00 0.07
CA SER D 14 29.62 13.25 -1.16
C SER D 14 29.64 11.96 -1.95
N LEU D 15 29.78 12.08 -3.26
CA LEU D 15 29.65 10.90 -4.10
C LEU D 15 30.75 9.90 -3.77
N GLY D 16 30.46 8.62 -3.99
CA GLY D 16 31.39 7.56 -3.69
C GLY D 16 31.52 7.22 -2.22
N ASP D 17 31.02 8.07 -1.34
CA ASP D 17 31.16 7.85 0.09
C ASP D 17 30.33 6.64 0.52
N ARG D 18 30.41 6.34 1.81
CA ARG D 18 29.65 5.28 2.45
C ARG D 18 28.91 5.94 3.61
N VAL D 19 27.67 6.37 3.35
CA VAL D 19 26.89 7.13 4.32
C VAL D 19 26.03 6.19 5.13
N THR D 20 25.82 6.55 6.39
CA THR D 20 25.00 5.77 7.30
C THR D 20 24.04 6.69 8.03
N ILE D 21 22.75 6.31 8.04
CA ILE D 21 21.71 7.07 8.73
C ILE D 21 21.13 6.18 9.81
N SER D 22 21.04 6.70 11.02
CA SER D 22 20.59 5.97 12.19
C SER D 22 19.40 6.68 12.84
N CYS D 23 18.37 5.92 13.18
CA CYS D 23 17.25 6.44 13.96
C CYS D 23 17.09 5.64 15.24
N ARG D 24 16.46 6.28 16.22
CA ARG D 24 16.24 5.69 17.54
C ARG D 24 14.75 5.59 17.81
N ALA D 25 14.36 4.57 18.56
CA ALA D 25 12.98 4.37 18.97
C ALA D 25 12.83 4.67 20.45
N SER D 26 11.77 5.39 20.81
CA SER D 26 11.56 5.74 22.20
C SER D 26 11.40 4.52 23.09
N GLN D 27 11.04 3.37 22.53
CA GLN D 27 10.99 2.12 23.26
C GLN D 27 11.27 1.00 22.27
N GLY D 28 11.61 -0.17 22.80
CA GLY D 28 12.06 -1.25 21.96
C GLY D 28 10.98 -1.75 21.02
N VAL D 29 11.43 -2.33 19.92
CA VAL D 29 10.57 -2.97 18.93
C VAL D 29 11.28 -4.23 18.47
N ASN D 30 10.53 -5.31 18.28
CA ASN D 30 11.16 -6.58 17.96
C ASN D 30 11.66 -6.59 16.52
N ASN D 31 12.53 -5.64 16.17
CA ASN D 31 13.13 -5.52 14.86
C ASN D 31 12.10 -5.24 13.77
N TYR D 32 10.90 -4.76 14.13
CA TYR D 32 9.91 -4.36 13.14
C TYR D 32 10.13 -2.89 12.83
N LEU D 33 11.05 -2.64 11.88
CA LEU D 33 11.43 -1.29 11.52
C LEU D 33 11.83 -1.25 10.06
N ASN D 34 11.32 -0.26 9.33
CA ASN D 34 11.42 -0.21 7.88
C ASN D 34 12.05 1.11 7.43
N TRP D 35 12.64 1.09 6.24
CA TRP D 35 13.34 2.24 5.67
C TRP D 35 12.69 2.60 4.34
N TYR D 36 12.28 3.87 4.20
CA TYR D 36 11.64 4.37 2.99
C TYR D 36 12.46 5.49 2.37
N GLN D 37 12.41 5.55 1.04
CA GLN D 37 13.12 6.55 0.25
C GLN D 37 12.12 7.34 -0.58
N GLN D 38 12.11 8.66 -0.42
CA GLN D 38 11.23 9.53 -1.20
C GLN D 38 12.06 10.41 -2.12
N LYS D 39 11.82 10.26 -3.43
CA LYS D 39 12.52 11.06 -4.43
C LYS D 39 12.03 12.51 -4.38
N PRO D 40 12.76 13.43 -5.01
CA PRO D 40 12.26 14.81 -5.09
C PRO D 40 10.93 14.92 -5.79
N ASP D 41 10.60 13.96 -6.67
CA ASP D 41 9.30 13.93 -7.32
C ASP D 41 8.16 13.65 -6.35
N GLY D 42 8.47 13.24 -5.11
CA GLY D 42 7.47 12.94 -4.11
C GLY D 42 7.17 11.48 -3.93
N SER D 43 7.48 10.63 -4.90
CA SER D 43 7.16 9.21 -4.80
C SER D 43 7.95 8.58 -3.65
N VAL D 44 7.28 7.71 -2.89
CA VAL D 44 7.88 7.03 -1.75
C VAL D 44 8.05 5.56 -2.11
N LYS D 45 9.09 4.93 -1.57
CA LYS D 45 9.39 3.53 -1.81
C LYS D 45 9.87 2.86 -0.52
N LEU D 46 9.73 1.55 -0.47
CA LEU D 46 10.26 0.77 0.66
C LEU D 46 11.64 0.24 0.31
N LEU D 47 12.61 0.51 1.18
CA LEU D 47 13.96 -0.02 0.98
C LEU D 47 14.17 -1.34 1.72
N ILE D 48 14.01 -1.32 3.04
CA ILE D 48 14.36 -2.45 3.88
C ILE D 48 13.30 -2.63 4.95
N TYR D 49 12.91 -3.87 5.21
CA TYR D 49 11.88 -4.20 6.18
C TYR D 49 12.38 -5.22 7.18
N TYR D 50 11.83 -5.16 8.39
CA TYR D 50 12.21 -6.03 9.49
C TYR D 50 13.72 -5.96 9.74
N THR D 51 14.23 -4.74 9.60
CA THR D 51 15.55 -4.31 10.09
C THR D 51 16.72 -4.87 9.29
N SER D 52 16.52 -5.88 8.44
CA SER D 52 17.65 -6.33 7.63
C SER D 52 17.26 -6.88 6.26
N ASN D 53 16.04 -6.70 5.79
CA ASN D 53 15.56 -7.41 4.62
C ASN D 53 15.42 -6.44 3.45
N LEU D 54 15.98 -6.82 2.31
CA LEU D 54 15.95 -5.98 1.13
C LEU D 54 14.69 -6.25 0.31
N HIS D 55 13.90 -5.20 0.07
CA HIS D 55 12.67 -5.36 -0.67
C HIS D 55 12.95 -5.82 -2.10
N SER D 56 12.01 -6.56 -2.68
CA SER D 56 12.20 -7.15 -3.99
C SER D 56 12.22 -6.08 -5.07
N GLY D 57 13.42 -5.63 -5.46
CA GLY D 57 13.55 -4.64 -6.50
C GLY D 57 14.45 -3.49 -6.10
N ALA D 58 14.74 -3.37 -4.81
CA ALA D 58 15.59 -2.30 -4.32
C ALA D 58 17.04 -2.55 -4.74
N PRO D 59 17.88 -1.52 -4.71
CA PRO D 59 19.28 -1.71 -5.10
C PRO D 59 20.03 -2.58 -4.10
N SER D 60 20.95 -3.40 -4.60
CA SER D 60 21.70 -4.30 -3.74
C SER D 60 22.94 -3.61 -3.19
N ARG D 61 22.76 -2.42 -2.61
CA ARG D 61 23.83 -1.73 -1.89
C ARG D 61 23.26 -1.02 -0.69
N PHE D 62 22.04 -1.37 -0.30
CA PHE D 62 21.42 -0.86 0.90
C PHE D 62 21.46 -1.93 1.98
N SER D 63 21.68 -1.50 3.23
CA SER D 63 21.79 -2.43 4.34
C SER D 63 21.20 -1.79 5.58
N GLY D 64 20.72 -2.65 6.48
CA GLY D 64 20.21 -2.19 7.75
C GLY D 64 20.55 -3.17 8.85
N SER D 65 20.45 -2.69 10.08
CA SER D 65 20.75 -3.53 11.24
C SER D 65 20.42 -2.73 12.49
N GLY D 66 20.31 -3.44 13.60
CA GLY D 66 20.04 -2.79 14.87
C GLY D 66 19.33 -3.72 15.82
N SER D 67 19.28 -3.29 17.08
CA SER D 67 18.54 -3.95 18.13
C SER D 67 17.68 -2.91 18.82
N GLY D 68 16.61 -3.37 19.47
CA GLY D 68 15.58 -2.48 19.97
C GLY D 68 16.12 -1.17 20.50
N THR D 69 15.62 -0.06 19.97
CA THR D 69 15.99 1.33 20.29
C THR D 69 17.30 1.74 19.63
N ASP D 70 17.80 1.01 18.63
CA ASP D 70 19.01 1.45 17.94
C ASP D 70 19.08 0.76 16.59
N TYR D 71 18.89 1.52 15.51
CA TYR D 71 18.88 0.98 14.16
C TYR D 71 19.59 1.94 13.23
N SER D 72 20.00 1.45 12.07
CA SER D 72 20.71 2.27 11.10
C SER D 72 20.65 1.65 9.72
N LEU D 73 20.73 2.52 8.71
CA LEU D 73 20.79 2.15 7.30
C LEU D 73 22.08 2.69 6.70
N THR D 74 22.64 1.95 5.76
CA THR D 74 23.91 2.31 5.15
C THR D 74 23.85 2.08 3.65
N ILE D 75 24.45 3.00 2.90
CA ILE D 75 24.69 2.83 1.47
C ILE D 75 26.20 2.66 1.28
N SER D 76 26.59 1.61 0.57
CA SER D 76 28.01 1.31 0.42
C SER D 76 28.72 2.34 -0.45
N ASN D 77 28.15 2.66 -1.61
CA ASN D 77 28.78 3.59 -2.55
C ASN D 77 27.70 4.46 -3.17
N LEU D 78 27.67 5.74 -2.80
CA LEU D 78 26.63 6.64 -3.28
C LEU D 78 26.61 6.67 -4.80
N GLU D 79 25.40 6.57 -5.36
CA GLU D 79 25.15 6.92 -6.74
C GLU D 79 24.31 8.20 -6.75
N GLN D 80 24.28 8.88 -7.89
CA GLN D 80 23.51 10.11 -7.97
C GLN D 80 22.02 9.83 -7.79
N GLU D 81 21.58 8.59 -8.06
CA GLU D 81 20.19 8.23 -7.86
C GLU D 81 19.79 8.27 -6.40
N ASP D 82 20.75 8.20 -5.48
CA ASP D 82 20.45 8.06 -4.06
C ASP D 82 20.22 9.38 -3.35
N ILE D 83 20.24 10.50 -4.06
CA ILE D 83 19.94 11.79 -3.45
C ILE D 83 18.43 11.85 -3.25
N ALA D 84 18.00 11.73 -2.00
CA ALA D 84 16.59 11.70 -1.65
C ALA D 84 16.47 11.94 -0.15
N THR D 85 15.25 11.76 0.37
CA THR D 85 14.99 11.81 1.80
C THR D 85 14.64 10.41 2.28
N TYR D 86 15.05 10.08 3.50
CA TYR D 86 14.92 8.73 4.04
C TYR D 86 14.19 8.76 5.37
N PHE D 87 13.18 7.90 5.50
CA PHE D 87 12.37 7.79 6.70
C PHE D 87 12.44 6.37 7.23
N CYS D 88 12.40 6.20 8.54
CA CYS D 88 12.23 4.90 9.16
C CYS D 88 10.94 4.86 9.96
N GLN D 89 10.30 3.69 9.97
CA GLN D 89 8.99 3.51 10.55
C GLN D 89 8.94 2.21 11.33
N GLN D 90 8.31 2.24 12.50
CA GLN D 90 8.11 1.05 13.30
C GLN D 90 6.73 0.44 13.04
N ALA D 91 6.71 -0.88 12.88
CA ALA D 91 5.46 -1.61 12.67
C ALA D 91 5.22 -2.59 13.80
N ASN D 92 5.68 -2.28 15.00
CA ASN D 92 5.49 -3.18 16.14
C ASN D 92 4.14 -2.98 16.80
N MET D 93 3.77 -1.74 17.08
CA MET D 93 2.57 -1.47 17.86
C MET D 93 1.80 -0.33 17.19
N VAL D 94 0.52 -0.58 16.94
CA VAL D 94 -0.38 0.42 16.37
C VAL D 94 -0.56 1.53 17.41
N PRO D 95 -0.57 2.82 17.03
CA PRO D 95 -0.45 3.39 15.69
C PRO D 95 0.97 3.37 15.12
N TRP D 96 1.13 2.99 13.86
CA TRP D 96 2.43 3.04 13.23
C TRP D 96 2.93 4.47 13.17
N THR D 97 4.24 4.65 13.32
CA THR D 97 4.84 5.98 13.37
C THR D 97 6.06 6.03 12.45
N PHE D 98 6.36 7.25 12.00
CA PHE D 98 7.50 7.52 11.14
C PHE D 98 8.47 8.47 11.85
N GLY D 99 9.69 8.53 11.35
CA GLY D 99 10.67 9.47 11.86
C GLY D 99 10.58 10.82 11.19
N GLY D 100 11.50 11.69 11.57
CA GLY D 100 11.52 13.05 11.03
C GLY D 100 12.04 13.14 9.60
N GLY D 101 12.87 12.21 9.17
CA GLY D 101 13.43 12.25 7.83
C GLY D 101 14.82 12.85 7.80
N THR D 102 15.59 12.42 6.79
CA THR D 102 16.96 12.90 6.59
C THR D 102 17.18 13.07 5.10
N LYS D 103 17.60 14.27 4.69
CA LYS D 103 17.82 14.58 3.29
C LYS D 103 19.29 14.40 2.92
N LEU D 104 19.53 13.82 1.75
CA LEU D 104 20.87 13.39 1.35
C LEU D 104 21.42 14.39 0.33
N GLU D 105 22.44 15.13 0.74
CA GLU D 105 23.01 16.22 -0.02
C GLU D 105 24.32 15.79 -0.69
N ILE D 106 24.89 16.68 -1.50
CA ILE D 106 26.20 16.48 -2.10
C ILE D 106 27.10 17.63 -1.66
N LYS D 107 28.32 17.30 -1.25
CA LYS D 107 29.27 18.30 -0.79
C LYS D 107 30.07 18.87 -1.96
N ARG D 108 30.45 20.13 -1.84
CA ARG D 108 31.14 20.84 -2.92
C ARG D 108 31.88 22.02 -2.33
N ALA D 109 32.75 22.61 -3.14
CA ALA D 109 33.51 23.78 -2.72
C ALA D 109 32.56 24.93 -2.37
N ASP D 110 32.90 25.66 -1.32
CA ASP D 110 32.01 26.70 -0.82
C ASP D 110 31.99 27.89 -1.79
N ALA D 111 30.99 28.75 -1.61
CA ALA D 111 30.80 29.92 -2.48
C ALA D 111 30.03 30.97 -1.71
N ALA D 112 30.22 32.24 -2.08
CA ALA D 112 29.51 33.33 -1.43
C ALA D 112 28.27 33.70 -2.24
N PRO D 113 27.28 34.34 -1.61
CA PRO D 113 26.08 34.75 -2.35
C PRO D 113 26.38 35.87 -3.32
N THR D 114 25.66 35.88 -4.45
CA THR D 114 25.73 36.95 -5.43
C THR D 114 24.56 37.92 -5.24
N VAL D 115 24.57 38.68 -4.15
CA VAL D 115 23.41 39.47 -3.74
C VAL D 115 23.00 40.45 -4.83
N SER D 116 21.73 40.84 -4.81
CA SER D 116 21.16 41.80 -5.75
C SER D 116 19.92 42.40 -5.13
N ILE D 117 19.42 43.47 -5.74
CA ILE D 117 18.19 44.12 -5.29
C ILE D 117 17.59 44.90 -6.44
N PHE D 118 16.27 44.84 -6.58
CA PHE D 118 15.55 45.50 -7.65
C PHE D 118 14.45 46.37 -7.08
N PRO D 119 14.25 47.58 -7.61
CA PRO D 119 13.19 48.44 -7.11
C PRO D 119 11.85 48.04 -7.72
N PRO D 120 10.74 48.51 -7.13
CA PRO D 120 9.44 48.22 -7.75
C PRO D 120 9.34 48.86 -9.12
N SER D 121 8.63 48.19 -10.02
CA SER D 121 8.47 48.70 -11.37
C SER D 121 7.53 49.89 -11.38
N SER D 122 7.49 50.58 -12.53
CA SER D 122 6.53 51.67 -12.69
C SER D 122 5.11 51.15 -12.56
N GLU D 123 4.81 50.00 -13.17
CA GLU D 123 3.45 49.48 -13.16
C GLU D 123 2.95 49.24 -11.75
N GLN D 124 3.74 48.55 -10.91
CA GLN D 124 3.25 48.19 -9.60
C GLN D 124 2.86 49.42 -8.80
N LEU D 125 3.74 50.42 -8.76
CA LEU D 125 3.44 51.64 -8.02
C LEU D 125 2.21 52.34 -8.56
N THR D 126 1.79 52.02 -9.78
CA THR D 126 0.57 52.60 -10.33
C THR D 126 -0.66 51.98 -9.68
N SER D 127 -0.58 50.71 -9.27
CA SER D 127 -1.70 50.00 -8.69
C SER D 127 -1.69 50.00 -7.15
N GLY D 128 -0.98 50.92 -6.53
CA GLY D 128 -0.99 51.03 -5.08
C GLY D 128 0.03 50.14 -4.40
N GLY D 129 0.28 48.97 -4.97
CA GLY D 129 1.23 48.05 -4.40
C GLY D 129 2.67 48.44 -4.73
N ALA D 130 3.59 47.68 -4.15
CA ALA D 130 5.03 47.89 -4.33
C ALA D 130 5.75 46.68 -3.75
N SER D 131 6.77 46.21 -4.44
CA SER D 131 7.50 45.02 -4.01
C SER D 131 8.98 45.21 -4.31
N VAL D 132 9.81 45.10 -3.28
CA VAL D 132 11.26 45.09 -3.47
C VAL D 132 11.75 43.66 -3.37
N VAL D 133 12.55 43.24 -4.34
CA VAL D 133 12.95 41.85 -4.48
C VAL D 133 14.46 41.75 -4.26
N CYS D 134 14.88 40.69 -3.58
CA CYS D 134 16.30 40.41 -3.36
C CYS D 134 16.60 38.99 -3.82
N PHE D 135 17.55 38.86 -4.75
CA PHE D 135 18.00 37.56 -5.24
C PHE D 135 19.38 37.26 -4.70
N LEU D 136 19.54 36.06 -4.14
CA LEU D 136 20.81 35.55 -3.62
C LEU D 136 21.02 34.21 -4.30
N ASN D 137 21.97 34.15 -5.23
CA ASN D 137 22.08 33.02 -6.13
C ASN D 137 23.37 32.24 -5.91
N ASN D 138 23.24 30.91 -6.00
CA ASN D 138 24.38 30.00 -6.03
C ASN D 138 25.28 30.18 -4.81
N PHE D 139 24.68 30.42 -3.65
CA PHE D 139 25.47 30.47 -2.43
C PHE D 139 25.57 29.07 -1.82
N TYR D 140 26.64 28.85 -1.07
CA TYR D 140 26.87 27.60 -0.36
C TYR D 140 27.50 27.99 0.96
N PRO D 141 27.24 27.26 2.05
CA PRO D 141 26.33 26.10 2.21
C PRO D 141 24.87 26.47 2.32
N LYS D 142 24.02 25.45 2.46
CA LYS D 142 22.58 25.64 2.58
C LYS D 142 22.20 26.81 3.48
N ASP D 143 22.67 26.79 4.73
CA ASP D 143 22.16 27.69 5.76
C ASP D 143 22.64 29.10 5.47
N ILE D 144 21.71 29.95 5.03
CA ILE D 144 21.98 31.37 4.85
C ILE D 144 20.97 32.17 5.65
N ASN D 145 21.34 33.40 6.00
CA ASN D 145 20.46 34.32 6.69
C ASN D 145 20.41 35.62 5.90
N VAL D 146 19.21 36.16 5.75
CA VAL D 146 18.99 37.36 4.94
C VAL D 146 18.24 38.38 5.77
N LYS D 147 18.34 39.64 5.38
CA LYS D 147 17.76 40.73 6.14
C LYS D 147 17.28 41.83 5.20
N TRP D 148 16.38 42.66 5.72
CA TRP D 148 15.91 43.86 5.02
C TRP D 148 16.10 45.06 5.93
N LYS D 149 16.64 46.14 5.37
CA LYS D 149 16.83 47.38 6.11
C LYS D 149 16.34 48.55 5.28
N ILE D 150 15.61 49.46 5.93
CA ILE D 150 15.13 50.69 5.31
C ILE D 150 15.69 51.86 6.11
N ASP D 151 16.45 52.73 5.42
CA ASP D 151 17.04 53.90 6.06
C ASP D 151 17.81 53.52 7.31
N GLY D 152 18.56 52.42 7.23
CA GLY D 152 19.35 51.94 8.36
C GLY D 152 18.61 51.03 9.31
N SER D 153 17.30 51.21 9.47
CA SER D 153 16.54 50.37 10.37
C SER D 153 16.15 49.06 9.69
N GLU D 154 16.06 48.00 10.49
CA GLU D 154 15.67 46.68 10.01
C GLU D 154 14.15 46.54 10.03
N ARG D 155 13.66 45.60 9.23
CA ARG D 155 12.23 45.33 9.11
C ARG D 155 12.02 43.84 8.97
N GLN D 156 11.02 43.31 9.67
CA GLN D 156 10.77 41.86 9.69
C GLN D 156 9.29 41.55 9.51
N ASN D 157 8.58 42.37 8.74
CA ASN D 157 7.18 42.08 8.40
C ASN D 157 6.98 42.37 6.92
N GLY D 158 6.01 41.66 6.34
CA GLY D 158 5.77 41.77 4.92
C GLY D 158 6.83 41.13 4.06
N VAL D 159 7.61 40.21 4.59
CA VAL D 159 8.71 39.57 3.87
C VAL D 159 8.35 38.11 3.64
N LEU D 160 8.54 37.65 2.41
CA LEU D 160 8.39 36.25 2.05
C LEU D 160 9.70 35.74 1.49
N ASN D 161 10.25 34.71 2.12
CA ASN D 161 11.49 34.09 1.69
C ASN D 161 11.19 32.79 0.98
N SER D 162 11.94 32.54 -0.10
CA SER D 162 11.78 31.33 -0.88
C SER D 162 13.15 30.73 -1.14
N TRP D 163 13.24 29.41 -0.99
CA TRP D 163 14.48 28.67 -1.20
C TRP D 163 14.31 27.71 -2.36
N THR D 164 15.32 27.64 -3.22
CA THR D 164 15.33 26.61 -4.25
C THR D 164 15.89 25.31 -3.68
N ASP D 165 15.56 24.22 -4.35
CA ASP D 165 16.19 22.95 -4.03
C ASP D 165 17.62 22.97 -4.54
N GLN D 166 18.48 22.15 -3.94
CA GLN D 166 19.88 22.13 -4.36
C GLN D 166 19.96 21.80 -5.85
N ASP D 167 20.77 22.58 -6.56
CA ASP D 167 20.90 22.40 -8.00
C ASP D 167 21.38 20.98 -8.29
N SER D 168 21.13 20.54 -9.53
CA SER D 168 21.43 19.18 -9.96
C SER D 168 22.76 19.06 -10.67
N LYS D 169 23.28 20.16 -11.24
CA LYS D 169 24.56 20.11 -11.96
C LYS D 169 25.62 20.87 -11.18
N ASP D 170 25.36 22.14 -10.87
CA ASP D 170 26.27 22.91 -10.03
C ASP D 170 26.15 22.47 -8.57
N SER D 171 24.94 22.20 -8.11
CA SER D 171 24.69 21.78 -6.73
C SER D 171 24.98 22.90 -5.74
N THR D 172 24.49 24.10 -6.02
CA THR D 172 24.53 25.20 -5.07
C THR D 172 23.10 25.61 -4.67
N TYR D 173 23.02 26.46 -3.65
CA TYR D 173 21.75 26.97 -3.16
C TYR D 173 21.49 28.38 -3.68
N SER D 174 20.21 28.66 -3.91
CA SER D 174 19.76 29.98 -4.31
C SER D 174 18.57 30.36 -3.46
N MET D 175 18.37 31.66 -3.28
CA MET D 175 17.32 32.13 -2.38
C MET D 175 16.75 33.42 -2.95
N SER D 176 15.55 33.76 -2.49
CA SER D 176 14.86 34.98 -2.89
C SER D 176 14.16 35.58 -1.68
N SER D 177 13.86 36.86 -1.78
CA SER D 177 13.15 37.59 -0.74
C SER D 177 12.36 38.72 -1.38
N THR D 178 11.17 38.99 -0.83
CA THR D 178 10.29 40.02 -1.35
C THR D 178 9.66 40.76 -0.18
N LEU D 179 9.75 42.08 -0.20
CA LEU D 179 9.19 42.94 0.83
C LEU D 179 8.06 43.76 0.21
N THR D 180 6.85 43.21 0.21
CA THR D 180 5.72 43.90 -0.39
C THR D 180 5.43 45.20 0.35
N LEU D 181 5.04 46.22 -0.40
CA LEU D 181 4.86 47.56 0.15
C LEU D 181 3.76 48.28 -0.61
N THR D 182 3.24 49.33 0.01
CA THR D 182 2.16 50.12 -0.53
C THR D 182 2.63 51.54 -0.82
N LYS D 183 1.85 52.25 -1.62
CA LYS D 183 2.22 53.62 -1.98
C LYS D 183 2.29 54.53 -0.76
N ASP D 184 1.40 54.31 0.21
CA ASP D 184 1.40 55.13 1.42
C ASP D 184 2.63 54.90 2.28
N GLU D 185 3.41 53.85 2.00
CA GLU D 185 4.60 53.54 2.78
C GLU D 185 5.86 53.40 1.96
N TYR D 186 5.77 52.99 0.69
CA TYR D 186 6.98 52.92 -0.13
C TYR D 186 7.63 54.28 -0.30
N GLU D 187 6.84 55.35 -0.20
CA GLU D 187 7.33 56.71 -0.38
C GLU D 187 7.40 57.49 0.93
N ARG D 188 7.22 56.82 2.07
CA ARG D 188 7.49 57.42 3.36
C ARG D 188 8.89 57.11 3.87
N HIS D 189 9.70 56.39 3.08
CA HIS D 189 11.08 56.09 3.45
C HIS D 189 11.97 56.41 2.26
N ASN D 190 13.28 56.32 2.49
CA ASN D 190 14.26 56.83 1.53
C ASN D 190 15.12 55.76 0.88
N SER D 191 15.81 54.93 1.66
CA SER D 191 16.81 54.02 1.11
C SER D 191 16.57 52.60 1.60
N TYR D 192 16.65 51.64 0.69
CA TYR D 192 16.52 50.23 1.01
C TYR D 192 17.76 49.50 0.50
N THR D 193 18.13 48.41 1.19
CA THR D 193 19.10 47.48 0.63
C THR D 193 19.01 46.17 1.41
N CYS D 194 19.30 45.08 0.70
CA CYS D 194 19.17 43.73 1.20
C CYS D 194 20.52 43.24 1.73
N GLU D 195 20.51 42.61 2.90
CA GLU D 195 21.72 42.16 3.56
C GLU D 195 21.65 40.65 3.75
N ALA D 196 22.81 39.99 3.70
CA ALA D 196 22.88 38.54 3.72
C ALA D 196 23.94 38.11 4.73
N ARG D 197 24.19 36.80 4.77
CA ARG D 197 25.24 36.23 5.61
C ARG D 197 26.53 36.09 4.81
#